data_8U1N
#
_entry.id   8U1N
#
_cell.length_a   1.00
_cell.length_b   1.00
_cell.length_c   1.00
_cell.angle_alpha   90.00
_cell.angle_beta   90.00
_cell.angle_gamma   90.00
#
_symmetry.space_group_name_H-M   'P 1'
#
loop_
_entity.id
_entity.type
_entity.pdbx_description
1 polymer 'Heat shock protein 83'
2 non-polymer "ADENOSINE-5'-TRIPHOSPHATE"
3 non-polymer 'MAGNESIUM ION'
#
_entity_poly.entity_id   1
_entity_poly.type   'polypeptide(L)'
_entity_poly.pdbx_seq_one_letter_code
;MPEEMQTDSGEVETFAFQAEIAQLMSLIINTFYSNKEIFLRELISNSSDALDKIRYESLTDPSKLDSGKELYIKIIPNKS
EGTFTIIDTGIGMTKADLVNNLGTIAKSGTKAFMEALQAGADISMIGQFGVGFYSCYLVADRVTVHSKHNDDEQYMWESS
AGGSFTVRTDHGEPLGRGTKIVLHIKEDLAEYLEVNKIKEIVKKHSQFIGYPIKLTVEKEREKELAYDEEEEKKEGEEDK
KEDEKEDEKPKIEDVGEDDEEDKDKKKKKTIKEKYTEDEELNKTKPIWTRNADDITQEEYGDFYKSLTNDWEDHLAVKHF
SVEGQLEFRALLFVPRRAPFDLFENKKRKNNIKLYVRRVFIMDNCEDLIPEYLNFIKGVVDSEDLPLNISREMLQQNKIL
KVIRKNLVKKCLELFEELAEDKENYKKYYEQFSKNLKLGIHEDAQNRTKLADLLRYHTSASGDEACSLKEYVSRMKENQK
HIYYITGENRDQVANSSFVERVKKRGYEVVYMTEPIDEYVVQQMREYDGKTLVSVTKEGLELPEDEEEKKKREEDKVKFE
GLCKVMKNILDNKVEKVVVSNRLVESPCCIVTAQYGWSANMERIMKAQALRDTSTMGYMAAKKHLEINPDHSIVETLRQK
AEADKNDKAVKDLVILLYETALLSSGFTLDEPQVHASRIYRMIKLGLGIDEDEPIQVEESSVGDVPPLEGDADDASRMEE
VD
;
_entity_poly.pdbx_strand_id   A,B
#
# COMPACT_ATOMS: atom_id res chain seq x y z
N THR A 7 -35.65 -33.92 -0.53
CA THR A 7 -36.71 -34.91 -0.35
C THR A 7 -36.35 -36.23 -1.03
N ASP A 8 -37.35 -37.09 -1.19
CA ASP A 8 -37.15 -38.38 -1.84
C ASP A 8 -37.42 -38.28 -3.34
N SER A 9 -36.72 -37.32 -3.96
CA SER A 9 -36.80 -37.10 -5.41
C SER A 9 -35.49 -37.39 -6.10
N GLY A 10 -34.39 -36.82 -5.62
CA GLY A 10 -33.08 -37.11 -6.15
C GLY A 10 -32.15 -37.68 -5.10
N GLU A 11 -31.65 -38.89 -5.33
CA GLU A 11 -30.80 -39.54 -4.35
C GLU A 11 -29.50 -38.75 -4.15
N VAL A 12 -29.02 -38.72 -2.91
CA VAL A 12 -27.87 -37.89 -2.55
C VAL A 12 -26.70 -38.81 -2.22
N GLU A 13 -25.49 -38.37 -2.60
CA GLU A 13 -24.26 -39.05 -2.28
C GLU A 13 -23.25 -38.03 -1.77
N THR A 14 -22.43 -38.43 -0.81
CA THR A 14 -21.47 -37.54 -0.17
C THR A 14 -20.06 -38.10 -0.33
N PHE A 15 -19.13 -37.25 -0.73
CA PHE A 15 -17.73 -37.58 -0.84
C PHE A 15 -16.89 -36.62 -0.01
N ALA A 16 -15.80 -37.13 0.53
CA ALA A 16 -14.90 -36.29 1.31
C ALA A 16 -14.17 -35.31 0.42
N PHE A 17 -13.57 -34.29 1.05
CA PHE A 17 -12.85 -33.27 0.32
C PHE A 17 -11.45 -33.75 -0.05
N GLN A 18 -10.88 -33.12 -1.07
CA GLN A 18 -9.56 -33.48 -1.56
C GLN A 18 -8.76 -32.23 -1.85
N ALA A 19 -7.44 -32.35 -1.79
CA ALA A 19 -6.52 -31.24 -2.05
C ALA A 19 -5.41 -31.71 -2.97
N GLU A 20 -5.23 -31.00 -4.08
CA GLU A 20 -4.15 -31.31 -5.01
C GLU A 20 -2.83 -30.82 -4.44
N ILE A 21 -1.79 -31.63 -4.57
CA ILE A 21 -0.54 -31.38 -3.86
C ILE A 21 0.37 -30.45 -4.64
N ALA A 22 0.76 -30.85 -5.85
CA ALA A 22 1.81 -30.14 -6.58
C ALA A 22 1.39 -28.70 -6.87
N GLN A 23 0.18 -28.50 -7.39
CA GLN A 23 -0.29 -27.15 -7.66
C GLN A 23 -0.36 -26.32 -6.40
N LEU A 24 -0.69 -26.93 -5.26
CA LEU A 24 -0.76 -26.19 -4.01
C LEU A 24 0.61 -25.61 -3.63
N MET A 25 1.66 -26.42 -3.73
CA MET A 25 2.99 -25.91 -3.39
C MET A 25 3.53 -24.96 -4.46
N SER A 26 3.14 -25.14 -5.73
CA SER A 26 3.48 -24.12 -6.71
C SER A 26 2.85 -22.78 -6.34
N LEU A 27 1.59 -22.81 -5.89
CA LEU A 27 0.93 -21.61 -5.41
C LEU A 27 1.66 -21.03 -4.20
N ILE A 28 2.06 -21.89 -3.27
CA ILE A 28 2.73 -21.44 -2.06
C ILE A 28 4.04 -20.74 -2.40
N ILE A 29 4.82 -21.34 -3.30
CA ILE A 29 6.14 -20.81 -3.61
C ILE A 29 6.04 -19.53 -4.42
N ASN A 30 5.21 -19.51 -5.46
CA ASN A 30 5.30 -18.48 -6.48
C ASN A 30 4.22 -17.40 -6.39
N THR A 31 3.30 -17.48 -5.43
CA THR A 31 2.16 -16.57 -5.47
C THR A 31 1.93 -15.79 -4.18
N PHE A 32 2.40 -16.31 -3.04
CA PHE A 32 2.02 -15.73 -1.76
C PHE A 32 2.76 -14.43 -1.48
N TYR A 33 4.08 -14.50 -1.38
CA TYR A 33 4.88 -13.41 -0.85
C TYR A 33 5.38 -12.49 -1.96
N SER A 34 5.25 -11.19 -1.74
CA SER A 34 5.59 -10.21 -2.77
C SER A 34 7.07 -10.23 -3.11
N ASN A 35 7.93 -10.35 -2.11
CA ASN A 35 9.38 -10.29 -2.31
C ASN A 35 10.02 -11.56 -1.78
N LYS A 36 11.25 -11.82 -2.24
CA LYS A 36 11.97 -13.03 -1.87
C LYS A 36 12.76 -12.89 -0.58
N GLU A 37 12.92 -11.67 -0.05
CA GLU A 37 13.72 -11.45 1.15
C GLU A 37 13.09 -12.04 2.41
N ILE A 38 11.77 -12.31 2.39
CA ILE A 38 11.05 -12.75 3.58
C ILE A 38 11.50 -14.11 4.08
N PHE A 39 12.25 -14.86 3.27
CA PHE A 39 12.61 -16.24 3.63
C PHE A 39 13.34 -16.31 4.96
N LEU A 40 14.24 -15.37 5.24
CA LEU A 40 15.00 -15.41 6.48
C LEU A 40 14.11 -15.16 7.69
N ARG A 41 13.13 -14.27 7.54
CA ARG A 41 12.29 -13.87 8.68
C ARG A 41 11.51 -15.05 9.23
N GLU A 42 10.98 -15.91 8.36
CA GLU A 42 10.23 -17.06 8.82
C GLU A 42 11.12 -18.03 9.61
N LEU A 43 12.35 -18.24 9.15
CA LEU A 43 13.27 -19.10 9.87
C LEU A 43 13.62 -18.51 11.24
N ILE A 44 13.85 -17.19 11.30
CA ILE A 44 14.14 -16.55 12.57
C ILE A 44 12.95 -16.69 13.51
N SER A 45 11.72 -16.51 12.99
CA SER A 45 10.54 -16.64 13.82
C SER A 45 10.39 -18.05 14.36
N ASN A 46 10.64 -19.06 13.53
CA ASN A 46 10.55 -20.43 14.02
C ASN A 46 11.61 -20.72 15.06
N SER A 47 12.82 -20.16 14.90
CA SER A 47 13.85 -20.33 15.91
C SER A 47 13.43 -19.70 17.22
N SER A 48 12.85 -18.50 17.18
CA SER A 48 12.34 -17.86 18.39
C SER A 48 11.24 -18.71 19.02
N ASP A 49 10.40 -19.32 18.19
CA ASP A 49 9.37 -20.23 18.67
C ASP A 49 10.00 -21.36 19.48
N ALA A 50 11.01 -22.02 18.91
CA ALA A 50 11.65 -23.14 19.60
C ALA A 50 12.30 -22.69 20.90
N LEU A 51 12.94 -21.51 20.88
CA LEU A 51 13.56 -20.98 22.08
C LEU A 51 12.54 -20.71 23.17
N ASP A 52 11.39 -20.12 22.81
CA ASP A 52 10.35 -19.87 23.79
C ASP A 52 9.78 -21.17 24.35
N LYS A 53 9.62 -22.18 23.48
CA LYS A 53 9.14 -23.48 23.94
C LYS A 53 10.08 -24.06 24.99
N ILE A 54 11.39 -24.07 24.70
CA ILE A 54 12.32 -24.65 25.67
C ILE A 54 12.43 -23.79 26.92
N ARG A 55 12.29 -22.47 26.81
CA ARG A 55 12.29 -21.63 28.00
C ARG A 55 11.10 -21.94 28.90
N TYR A 56 9.92 -22.13 28.32
CA TYR A 56 8.76 -22.49 29.12
C TYR A 56 8.94 -23.87 29.75
N GLU A 57 9.48 -24.82 29.00
CA GLU A 57 9.75 -26.15 29.57
C GLU A 57 10.74 -26.05 30.73
N SER A 58 11.73 -25.17 30.61
CA SER A 58 12.63 -24.93 31.73
C SER A 58 11.90 -24.33 32.92
N LEU A 59 11.01 -23.37 32.66
CA LEU A 59 10.29 -22.73 33.76
C LEU A 59 9.44 -23.72 34.53
N THR A 60 8.75 -24.62 33.82
CA THR A 60 7.97 -25.64 34.52
C THR A 60 8.86 -26.75 35.07
N ASP A 61 10.01 -27.00 34.45
CA ASP A 61 10.93 -28.03 34.91
C ASP A 61 12.34 -27.71 34.46
N PRO A 62 13.19 -27.17 35.33
CA PRO A 62 14.55 -26.76 34.91
C PRO A 62 15.56 -27.89 34.91
N SER A 63 15.17 -29.10 35.31
CA SER A 63 16.15 -30.19 35.43
C SER A 63 16.57 -30.76 34.08
N LYS A 64 15.88 -30.42 33.00
CA LYS A 64 16.15 -31.03 31.70
C LYS A 64 16.91 -30.13 30.75
N LEU A 65 17.38 -28.97 31.20
CA LEU A 65 18.23 -28.11 30.38
C LEU A 65 19.70 -28.48 30.46
N ASP A 66 20.02 -29.65 31.01
CA ASP A 66 21.42 -30.08 31.08
C ASP A 66 22.03 -30.25 29.70
N SER A 67 21.21 -30.54 28.69
CA SER A 67 21.72 -30.69 27.33
C SER A 67 22.28 -29.40 26.78
N GLY A 68 21.81 -28.25 27.26
CA GLY A 68 22.30 -26.97 26.79
C GLY A 68 21.79 -25.81 27.62
N LYS A 69 22.68 -24.86 27.94
CA LYS A 69 22.32 -23.74 28.80
C LYS A 69 21.99 -22.49 28.02
N GLU A 70 22.91 -22.00 27.20
CA GLU A 70 22.69 -20.77 26.46
C GLU A 70 21.64 -20.96 25.38
N LEU A 71 20.81 -19.95 25.19
CA LEU A 71 19.77 -19.95 24.16
C LEU A 71 20.05 -18.81 23.20
N TYR A 72 20.27 -19.15 21.93
CA TYR A 72 20.69 -18.14 20.95
C TYR A 72 20.36 -18.64 19.56
N ILE A 73 20.41 -17.70 18.61
CA ILE A 73 20.26 -17.99 17.19
C ILE A 73 21.60 -17.73 16.51
N LYS A 74 22.14 -18.75 15.85
CA LYS A 74 23.45 -18.68 15.23
C LYS A 74 23.29 -18.78 13.71
N ILE A 75 23.77 -17.77 13.00
CA ILE A 75 23.66 -17.68 11.55
C ILE A 75 25.05 -17.77 10.96
N ILE A 76 25.25 -18.71 10.03
CA ILE A 76 26.57 -18.98 9.46
C ILE A 76 26.48 -18.97 7.94
N PRO A 77 26.50 -17.80 7.30
CA PRO A 77 26.57 -17.78 5.83
C PRO A 77 27.92 -18.27 5.33
N ASN A 78 27.95 -18.60 4.04
CA ASN A 78 29.16 -19.13 3.42
C ASN A 78 29.10 -18.79 1.93
N LYS A 79 29.87 -17.78 1.52
CA LYS A 79 29.94 -17.44 0.10
C LYS A 79 30.60 -18.53 -0.73
N SER A 80 31.55 -19.27 -0.14
CA SER A 80 32.32 -20.24 -0.90
C SER A 80 31.43 -21.37 -1.40
N GLU A 81 30.67 -21.99 -0.51
CA GLU A 81 29.82 -23.11 -0.89
C GLU A 81 28.42 -22.68 -1.32
N GLY A 82 28.09 -21.40 -1.19
CA GLY A 82 26.75 -20.94 -1.56
C GLY A 82 25.65 -21.56 -0.72
N THR A 83 25.92 -21.81 0.56
CA THR A 83 24.96 -22.43 1.45
C THR A 83 24.58 -21.48 2.57
N PHE A 84 23.42 -21.72 3.16
CA PHE A 84 22.92 -20.95 4.29
C PHE A 84 22.71 -21.88 5.47
N THR A 85 23.18 -21.46 6.65
CA THR A 85 23.11 -22.30 7.84
C THR A 85 22.52 -21.49 8.99
N ILE A 86 21.50 -22.05 9.62
CA ILE A 86 20.90 -21.49 10.83
C ILE A 86 20.77 -22.60 11.84
N ILE A 87 21.39 -22.42 13.00
CA ILE A 87 21.35 -23.41 14.07
C ILE A 87 20.82 -22.75 15.33
N ASP A 88 19.83 -23.38 15.95
CA ASP A 88 19.22 -22.88 17.17
C ASP A 88 19.05 -24.04 18.15
N THR A 89 18.96 -23.69 19.43
CA THR A 89 18.93 -24.70 20.48
C THR A 89 17.59 -24.70 21.19
N GLY A 90 16.50 -24.64 20.43
CA GLY A 90 15.17 -24.66 20.99
C GLY A 90 14.70 -26.03 21.38
N ILE A 91 13.38 -26.26 21.24
CA ILE A 91 12.80 -27.52 21.69
C ILE A 91 13.26 -28.69 20.84
N GLY A 92 13.23 -28.53 19.52
CA GLY A 92 13.63 -29.58 18.61
C GLY A 92 12.46 -30.27 17.94
N MET A 93 12.75 -31.42 17.34
CA MET A 93 11.76 -32.19 16.60
C MET A 93 11.70 -33.61 17.15
N THR A 94 10.64 -34.32 16.75
CA THR A 94 10.57 -35.76 16.89
C THR A 94 10.03 -36.34 15.59
N LYS A 95 10.25 -37.64 15.40
CA LYS A 95 9.95 -38.28 14.11
C LYS A 95 8.50 -38.05 13.71
N ALA A 96 7.56 -38.33 14.62
CA ALA A 96 6.16 -38.04 14.36
C ALA A 96 5.94 -36.55 14.15
N ASP A 97 6.55 -35.71 14.99
CA ASP A 97 6.46 -34.27 14.79
C ASP A 97 7.09 -33.87 13.47
N LEU A 98 8.25 -34.43 13.14
CA LEU A 98 8.88 -34.19 11.86
C LEU A 98 7.88 -34.37 10.72
N VAL A 99 7.34 -35.59 10.60
CA VAL A 99 6.51 -35.92 9.44
C VAL A 99 5.20 -35.16 9.47
N ASN A 100 4.61 -34.95 10.65
CA ASN A 100 3.27 -34.38 10.73
C ASN A 100 3.26 -32.86 10.84
N ASN A 101 4.42 -32.21 10.96
CA ASN A 101 4.46 -30.76 10.93
C ASN A 101 5.23 -30.22 9.74
N LEU A 102 6.44 -30.72 9.49
CA LEU A 102 7.16 -30.27 8.31
C LEU A 102 6.65 -30.91 7.04
N GLY A 103 6.18 -32.15 7.11
CA GLY A 103 5.69 -32.85 5.95
C GLY A 103 4.19 -32.74 5.75
N THR A 104 3.56 -31.75 6.38
CA THR A 104 2.13 -31.55 6.26
C THR A 104 1.86 -30.07 6.04
N ILE A 105 1.09 -29.75 4.99
CA ILE A 105 0.77 -28.36 4.68
C ILE A 105 -0.28 -27.85 5.64
N ALA A 106 -0.11 -26.61 6.08
CA ALA A 106 -1.12 -25.88 6.86
C ALA A 106 -1.42 -26.56 8.19
N LYS A 107 -0.46 -27.33 8.72
CA LYS A 107 -0.58 -27.93 10.04
C LYS A 107 0.53 -27.40 10.92
N SER A 108 0.17 -26.64 11.96
CA SER A 108 1.12 -25.99 12.84
C SER A 108 1.11 -26.69 14.19
N GLY A 109 2.27 -27.21 14.61
CA GLY A 109 2.42 -27.71 15.96
C GLY A 109 2.44 -26.62 17.00
N THR A 110 2.73 -25.39 16.59
CA THR A 110 2.68 -24.25 17.52
C THR A 110 1.27 -24.08 18.06
N LYS A 111 0.27 -24.20 17.20
CA LYS A 111 -1.11 -24.09 17.66
C LYS A 111 -1.45 -25.21 18.63
N ALA A 112 -0.99 -26.43 18.34
CA ALA A 112 -1.26 -27.56 19.23
C ALA A 112 -0.65 -27.33 20.60
N PHE A 113 0.61 -26.87 20.64
CA PHE A 113 1.23 -26.61 21.93
C PHE A 113 0.55 -25.45 22.66
N MET A 114 0.15 -24.42 21.92
CA MET A 114 -0.49 -23.26 22.54
C MET A 114 -1.84 -23.63 23.13
N GLU A 115 -2.62 -24.47 22.45
CA GLU A 115 -3.89 -24.91 22.99
C GLU A 115 -3.73 -25.96 24.08
N ALA A 116 -2.61 -26.70 24.09
CA ALA A 116 -2.42 -27.74 25.10
C ALA A 116 -2.38 -27.15 26.50
N LEU A 117 -1.78 -25.98 26.67
CA LEU A 117 -1.66 -25.33 27.96
C LEU A 117 -2.30 -23.95 27.92
N GLN A 118 -3.08 -23.63 28.95
CA GLN A 118 -3.77 -22.36 29.03
C GLN A 118 -3.45 -21.55 30.28
N ALA A 119 -3.04 -22.20 31.37
CA ALA A 119 -2.77 -21.49 32.61
C ALA A 119 -1.69 -20.44 32.44
N GLY A 120 -0.63 -20.79 31.71
CA GLY A 120 0.46 -19.85 31.47
C GLY A 120 0.22 -18.93 30.30
N ALA A 121 -0.68 -17.96 30.46
CA ALA A 121 -0.97 -16.99 29.41
C ALA A 121 0.18 -16.00 29.20
N ASP A 122 1.18 -15.99 30.07
CA ASP A 122 2.28 -15.04 29.95
C ASP A 122 3.09 -15.25 28.67
N ILE A 123 3.29 -16.51 28.26
CA ILE A 123 4.12 -16.78 27.11
C ILE A 123 3.45 -16.25 25.84
N SER A 124 4.21 -15.49 25.05
CA SER A 124 3.72 -14.93 23.79
C SER A 124 4.34 -15.74 22.65
N MET A 125 3.47 -16.31 21.81
CA MET A 125 3.89 -17.20 20.75
C MET A 125 3.56 -16.57 19.40
N ILE A 126 4.39 -16.86 18.39
CA ILE A 126 4.16 -16.40 17.03
C ILE A 126 4.14 -17.61 16.11
N GLY A 127 3.14 -17.68 15.24
CA GLY A 127 3.01 -18.78 14.32
C GLY A 127 1.78 -19.62 14.55
N GLN A 128 0.80 -19.52 13.66
CA GLN A 128 -0.39 -20.34 13.69
C GLN A 128 -0.70 -21.02 12.36
N PHE A 129 -0.34 -20.42 11.23
CA PHE A 129 -0.48 -21.05 9.93
C PHE A 129 0.64 -22.08 9.75
N GLY A 130 0.47 -22.95 8.75
CA GLY A 130 1.49 -23.93 8.45
C GLY A 130 2.12 -23.77 7.08
N VAL A 131 2.32 -22.52 6.65
CA VAL A 131 2.84 -22.26 5.31
C VAL A 131 4.16 -21.50 5.31
N GLY A 132 4.58 -20.89 6.42
CA GLY A 132 5.76 -20.04 6.39
C GLY A 132 7.05 -20.79 6.15
N PHE A 133 7.17 -22.00 6.68
CA PHE A 133 8.42 -22.73 6.54
C PHE A 133 8.73 -23.04 5.08
N TYR A 134 7.69 -23.31 4.29
CA TYR A 134 7.89 -23.56 2.87
C TYR A 134 8.20 -22.29 2.08
N SER A 135 8.09 -21.11 2.69
CA SER A 135 8.50 -19.89 2.01
C SER A 135 10.01 -19.85 1.77
N CYS A 136 10.78 -20.67 2.48
CA CYS A 136 12.21 -20.74 2.24
C CYS A 136 12.53 -21.23 0.83
N TYR A 137 11.59 -21.91 0.18
CA TYR A 137 11.77 -22.34 -1.19
C TYR A 137 11.70 -21.19 -2.19
N LEU A 138 11.57 -19.95 -1.71
CA LEU A 138 11.60 -18.81 -2.61
C LEU A 138 12.94 -18.71 -3.33
N VAL A 139 14.04 -18.93 -2.60
CA VAL A 139 15.37 -18.77 -3.16
C VAL A 139 16.21 -20.04 -3.08
N ALA A 140 15.90 -20.98 -2.18
CA ALA A 140 16.71 -22.16 -1.98
C ALA A 140 16.21 -23.30 -2.86
N ASP A 141 17.10 -23.86 -3.68
CA ASP A 141 16.73 -24.96 -4.55
C ASP A 141 16.66 -26.29 -3.81
N ARG A 142 17.24 -26.37 -2.62
CA ARG A 142 17.21 -27.60 -1.83
C ARG A 142 17.34 -27.23 -0.36
N VAL A 143 16.67 -28.02 0.48
CA VAL A 143 16.61 -27.77 1.92
C VAL A 143 16.95 -29.06 2.65
N THR A 144 17.86 -28.98 3.61
CA THR A 144 18.22 -30.09 4.47
C THR A 144 18.14 -29.61 5.91
N VAL A 145 17.46 -30.37 6.76
CA VAL A 145 17.17 -29.98 8.14
C VAL A 145 17.64 -31.08 9.08
N HIS A 146 18.42 -30.70 10.09
CA HIS A 146 18.86 -31.61 11.13
C HIS A 146 18.20 -31.23 12.45
N SER A 147 17.86 -32.23 13.25
CA SER A 147 17.22 -31.97 14.53
C SER A 147 17.38 -33.18 15.45
N LYS A 148 17.19 -32.93 16.74
CA LYS A 148 17.17 -33.99 17.74
C LYS A 148 16.45 -33.48 18.98
N HIS A 149 15.61 -34.33 19.57
CA HIS A 149 14.87 -33.97 20.77
C HIS A 149 15.65 -34.41 22.01
N ASN A 150 15.24 -33.86 23.16
CA ASN A 150 15.76 -34.33 24.44
C ASN A 150 15.43 -35.79 24.70
N ASP A 151 14.37 -36.30 24.06
CA ASP A 151 13.98 -37.70 24.18
C ASP A 151 14.18 -38.51 22.92
N ASP A 152 14.14 -37.87 21.75
CA ASP A 152 14.29 -38.56 20.48
C ASP A 152 15.74 -38.48 19.98
N GLU A 153 16.06 -39.35 19.04
CA GLU A 153 17.40 -39.41 18.46
C GLU A 153 17.53 -38.34 17.38
N GLN A 154 18.62 -38.40 16.61
CA GLN A 154 18.92 -37.42 15.57
C GLN A 154 18.49 -37.92 14.20
N TYR A 155 17.77 -37.09 13.45
CA TYR A 155 17.26 -37.42 12.13
C TYR A 155 17.58 -36.25 11.20
N MET A 156 17.31 -36.42 9.90
CA MET A 156 17.28 -35.29 8.99
C MET A 156 16.03 -35.35 8.12
N TRP A 157 15.64 -34.18 7.61
CA TRP A 157 14.51 -34.05 6.71
C TRP A 157 14.99 -33.31 5.47
N GLU A 158 15.00 -33.98 4.32
CA GLU A 158 15.48 -33.41 3.08
C GLU A 158 14.38 -33.43 2.04
N SER A 159 14.18 -32.29 1.36
CA SER A 159 13.19 -32.19 0.30
C SER A 159 13.74 -31.30 -0.81
N SER A 160 13.10 -31.38 -1.98
CA SER A 160 13.51 -30.56 -3.12
C SER A 160 12.30 -30.00 -3.85
N ALA A 161 11.18 -29.78 -3.14
CA ALA A 161 9.95 -29.23 -3.69
C ALA A 161 9.39 -30.07 -4.83
N GLY A 162 9.78 -31.33 -4.91
CA GLY A 162 9.33 -32.20 -5.97
C GLY A 162 8.14 -33.05 -5.57
N GLY A 163 7.44 -32.64 -4.52
CA GLY A 163 6.32 -33.41 -4.02
C GLY A 163 6.70 -34.68 -3.31
N SER A 164 7.94 -34.81 -2.86
CA SER A 164 8.39 -35.99 -2.14
C SER A 164 9.57 -35.62 -1.26
N PHE A 165 9.61 -36.21 -0.07
CA PHE A 165 10.68 -35.97 0.89
C PHE A 165 11.10 -37.28 1.53
N THR A 166 12.31 -37.30 2.08
CA THR A 166 12.87 -38.48 2.70
C THR A 166 13.55 -38.12 4.02
N VAL A 167 13.57 -39.08 4.94
CA VAL A 167 14.18 -38.91 6.26
C VAL A 167 14.90 -40.20 6.62
N ARG A 168 15.86 -40.08 7.53
CA ARG A 168 16.61 -41.24 8.01
C ARG A 168 17.34 -40.87 9.29
N THR A 169 18.15 -41.79 9.79
CA THR A 169 18.93 -41.58 11.02
C THR A 169 20.15 -40.73 10.73
N ASP A 170 20.72 -40.20 11.81
CA ASP A 170 21.88 -39.31 11.72
C ASP A 170 23.10 -39.96 12.34
N HIS A 171 24.27 -39.72 11.73
CA HIS A 171 25.54 -40.14 12.31
C HIS A 171 26.62 -39.09 12.13
N GLY A 172 26.25 -37.85 11.78
CA GLY A 172 27.23 -36.81 11.57
C GLY A 172 27.67 -36.14 12.86
N GLU A 173 27.79 -34.82 12.84
CA GLU A 173 28.18 -34.10 14.05
C GLU A 173 27.04 -34.15 15.05
N PRO A 174 27.26 -34.67 16.26
CA PRO A 174 26.15 -34.79 17.22
C PRO A 174 25.76 -33.47 17.85
N LEU A 175 24.62 -32.91 17.43
CA LEU A 175 24.07 -31.74 18.10
C LEU A 175 23.53 -32.14 19.47
N GLY A 176 23.87 -31.38 20.50
CA GLY A 176 23.34 -31.64 21.82
C GLY A 176 21.85 -31.44 21.95
N ARG A 177 21.31 -30.40 21.32
CA ARG A 177 19.91 -30.04 21.45
C ARG A 177 19.57 -28.97 20.43
N GLY A 178 18.38 -29.05 19.87
CA GLY A 178 17.90 -28.05 18.93
C GLY A 178 17.73 -28.59 17.52
N THR A 179 17.68 -27.65 16.58
CA THR A 179 17.49 -27.95 15.17
C THR A 179 18.71 -27.47 14.39
N LYS A 180 18.62 -27.58 13.07
CA LYS A 180 19.70 -27.13 12.17
C LYS A 180 19.13 -27.01 10.77
N ILE A 181 19.32 -25.84 10.15
CA ILE A 181 18.82 -25.55 8.82
C ILE A 181 20.01 -25.45 7.88
N VAL A 182 19.97 -26.17 6.76
CA VAL A 182 20.99 -26.12 5.73
C VAL A 182 20.30 -25.84 4.40
N LEU A 183 20.76 -24.79 3.73
CA LEU A 183 20.18 -24.38 2.46
C LEU A 183 21.22 -24.47 1.34
N HIS A 184 20.73 -24.39 0.11
CA HIS A 184 21.57 -24.29 -1.09
C HIS A 184 20.85 -23.34 -2.03
N ILE A 185 21.21 -22.06 -1.95
CA ILE A 185 20.46 -21.03 -2.67
C ILE A 185 20.82 -21.05 -4.15
N LYS A 186 20.02 -20.35 -4.96
CA LYS A 186 20.26 -20.30 -6.40
C LYS A 186 21.56 -19.58 -6.71
N GLU A 187 22.22 -20.04 -7.77
CA GLU A 187 23.50 -19.47 -8.16
C GLU A 187 23.39 -18.02 -8.65
N ASP A 188 22.21 -17.61 -9.10
CA ASP A 188 22.00 -16.24 -9.56
C ASP A 188 21.49 -15.33 -8.46
N LEU A 189 21.31 -15.84 -7.24
CA LEU A 189 20.88 -15.05 -6.10
C LEU A 189 21.95 -14.96 -5.03
N ALA A 190 23.22 -15.09 -5.43
CA ALA A 190 24.32 -15.10 -4.47
C ALA A 190 24.47 -13.77 -3.73
N GLU A 191 23.83 -12.71 -4.22
CA GLU A 191 23.90 -11.43 -3.53
C GLU A 191 23.23 -11.49 -2.16
N TYR A 192 22.40 -12.49 -1.91
CA TYR A 192 21.78 -12.67 -0.60
C TYR A 192 22.65 -13.48 0.36
N LEU A 193 23.80 -13.98 -0.10
CA LEU A 193 24.82 -14.50 0.80
C LEU A 193 25.74 -13.40 1.31
N GLU A 194 25.64 -12.20 0.76
CA GLU A 194 26.50 -11.09 1.17
C GLU A 194 26.17 -10.67 2.59
N VAL A 195 27.21 -10.32 3.35
CA VAL A 195 27.04 -10.07 4.78
C VAL A 195 26.22 -8.81 5.02
N ASN A 196 26.53 -7.73 4.30
CA ASN A 196 25.87 -6.45 4.56
C ASN A 196 24.37 -6.53 4.26
N LYS A 197 23.99 -7.24 3.19
CA LYS A 197 22.58 -7.38 2.86
C LYS A 197 21.84 -8.13 3.96
N ILE A 198 22.43 -9.22 4.47
CA ILE A 198 21.82 -9.97 5.55
C ILE A 198 21.70 -9.10 6.80
N LYS A 199 22.72 -8.29 7.08
CA LYS A 199 22.67 -7.40 8.23
C LYS A 199 21.54 -6.38 8.08
N GLU A 200 21.39 -5.82 6.88
CA GLU A 200 20.30 -4.86 6.64
C GLU A 200 18.94 -5.51 6.85
N ILE A 201 18.76 -6.72 6.32
CA ILE A 201 17.47 -7.40 6.45
C ILE A 201 17.17 -7.70 7.91
N VAL A 202 18.16 -8.22 8.64
CA VAL A 202 17.97 -8.52 10.05
C VAL A 202 17.64 -7.25 10.83
N LYS A 203 18.33 -6.15 10.52
CA LYS A 203 18.06 -4.89 11.19
C LYS A 203 16.64 -4.40 10.92
N LYS A 204 16.17 -4.55 9.69
CA LYS A 204 14.86 -4.01 9.34
C LYS A 204 13.73 -4.87 9.91
N HIS A 205 13.84 -6.19 9.83
CA HIS A 205 12.71 -7.06 10.11
C HIS A 205 12.72 -7.65 11.51
N SER A 206 13.80 -8.34 11.89
CA SER A 206 13.82 -9.09 13.14
C SER A 206 14.61 -8.35 14.22
N GLN A 207 14.47 -7.02 14.25
CA GLN A 207 15.29 -6.21 15.14
C GLN A 207 15.02 -6.51 16.62
N PHE A 208 13.77 -6.73 17.00
CA PHE A 208 13.44 -6.87 18.41
C PHE A 208 12.87 -8.24 18.74
N ILE A 209 13.49 -9.30 18.24
CA ILE A 209 13.00 -10.64 18.54
C ILE A 209 13.14 -10.96 20.03
N GLY A 210 14.28 -10.64 20.61
CA GLY A 210 14.53 -10.89 22.00
C GLY A 210 15.39 -12.10 22.32
N TYR A 211 16.25 -12.52 21.40
CA TYR A 211 17.21 -13.58 21.65
C TYR A 211 18.48 -13.29 20.87
N PRO A 212 19.63 -13.75 21.35
CA PRO A 212 20.89 -13.40 20.71
C PRO A 212 21.00 -14.01 19.31
N ILE A 213 21.24 -13.15 18.33
CA ILE A 213 21.56 -13.57 16.97
C ILE A 213 23.00 -13.18 16.69
N LYS A 214 23.86 -14.18 16.48
CA LYS A 214 25.30 -13.98 16.33
C LYS A 214 25.69 -14.30 14.90
N LEU A 215 25.70 -13.27 14.04
CA LEU A 215 26.15 -13.41 12.67
C LEU A 215 27.67 -13.51 12.69
N THR A 216 28.19 -14.72 12.84
CA THR A 216 29.61 -14.94 13.04
C THR A 216 30.13 -16.01 12.10
N VAL A 217 31.22 -15.70 11.40
CA VAL A 217 32.00 -16.69 10.66
C VAL A 217 33.47 -16.40 10.92
N GLU A 218 34.14 -17.30 11.64
CA GLU A 218 35.49 -17.08 12.12
C GLU A 218 36.47 -17.94 11.36
N LYS A 219 37.61 -17.36 10.99
CA LYS A 219 38.66 -18.06 10.26
C LYS A 219 39.96 -17.98 11.06
N GLU A 220 40.77 -19.03 10.94
CA GLU A 220 42.10 -19.00 11.50
C GLU A 220 43.03 -18.18 10.60
N ARG A 221 43.89 -17.38 11.23
CA ARG A 221 44.83 -16.54 10.50
C ARG A 221 46.26 -17.00 10.78
N GLU A 222 47.06 -17.12 9.72
CA GLU A 222 48.45 -17.47 9.87
C GLU A 222 49.27 -16.26 10.32
N LYS A 223 50.38 -16.53 10.98
CA LYS A 223 51.25 -15.50 11.50
C LYS A 223 52.65 -15.63 10.91
N GLU A 224 53.25 -14.50 10.56
CA GLU A 224 54.58 -14.46 9.99
C GLU A 224 55.61 -15.04 10.95
N LYS A 267 56.76 -8.80 4.69
CA LYS A 267 56.81 -8.15 5.99
C LYS A 267 55.72 -7.09 6.15
N LYS A 268 55.41 -6.33 5.10
CA LYS A 268 54.15 -5.58 5.00
C LYS A 268 53.36 -5.99 3.76
N LYS A 269 53.36 -7.27 3.44
CA LYS A 269 52.82 -7.72 2.15
C LYS A 269 51.31 -7.88 2.19
N THR A 270 50.81 -8.76 3.05
CA THR A 270 49.42 -9.19 3.00
C THR A 270 48.77 -9.13 4.37
N ILE A 271 47.50 -8.72 4.39
CA ILE A 271 46.68 -8.71 5.60
C ILE A 271 45.22 -8.87 5.18
N LYS A 272 44.49 -9.74 5.88
CA LYS A 272 43.10 -10.04 5.57
C LYS A 272 42.19 -9.68 6.74
N GLU A 273 40.91 -9.96 6.56
CA GLU A 273 39.89 -9.74 7.58
C GLU A 273 39.73 -10.98 8.44
N LYS A 274 39.23 -10.78 9.67
CA LYS A 274 39.16 -11.86 10.65
C LYS A 274 37.81 -12.58 10.65
N TYR A 275 36.73 -11.86 10.93
CA TYR A 275 35.42 -12.50 11.08
C TYR A 275 34.32 -11.45 10.98
N THR A 276 33.08 -11.90 11.15
CA THR A 276 31.91 -11.02 11.12
C THR A 276 31.33 -10.89 12.52
N GLU A 277 31.04 -9.67 12.93
CA GLU A 277 30.58 -9.37 14.28
C GLU A 277 29.11 -8.97 14.25
N ASP A 278 28.45 -9.13 15.39
CA ASP A 278 27.04 -8.73 15.52
C ASP A 278 26.93 -7.23 15.31
N GLU A 279 26.30 -6.83 14.19
CA GLU A 279 26.11 -5.42 13.87
C GLU A 279 24.86 -4.92 14.60
N GLU A 280 25.03 -4.68 15.91
CA GLU A 280 23.94 -4.25 16.79
C GLU A 280 22.76 -5.21 16.72
N LEU A 281 23.05 -6.51 16.74
CA LEU A 281 22.03 -7.53 16.72
C LEU A 281 21.59 -7.83 18.15
N ASN A 282 20.33 -7.51 18.47
CA ASN A 282 19.72 -7.74 19.77
C ASN A 282 20.41 -6.96 20.89
N LYS A 283 21.11 -5.88 20.56
CA LYS A 283 21.66 -4.98 21.57
C LYS A 283 20.69 -3.89 21.97
N THR A 284 19.52 -3.83 21.34
CA THR A 284 18.48 -2.86 21.68
C THR A 284 17.28 -3.64 22.21
N LYS A 285 17.20 -3.75 23.53
CA LYS A 285 16.12 -4.48 24.15
C LYS A 285 14.79 -3.76 23.93
N PRO A 286 13.66 -4.49 23.97
CA PRO A 286 12.36 -3.82 23.80
C PRO A 286 12.05 -2.87 24.94
N ILE A 287 11.96 -1.57 24.63
CA ILE A 287 11.70 -0.58 25.66
C ILE A 287 10.27 -0.68 26.17
N TRP A 288 9.31 -0.84 25.27
CA TRP A 288 7.90 -0.77 25.66
C TRP A 288 7.52 -1.90 26.61
N THR A 289 8.21 -3.04 26.54
CA THR A 289 7.92 -4.13 27.46
C THR A 289 8.33 -3.81 28.89
N ARG A 290 9.12 -2.75 29.10
CA ARG A 290 9.51 -2.30 30.42
C ARG A 290 8.61 -1.16 30.88
N ASN A 291 8.52 -1.01 32.19
CA ASN A 291 7.67 0.02 32.77
C ASN A 291 8.20 1.41 32.44
N ALA A 292 7.28 2.39 32.39
CA ALA A 292 7.66 3.74 32.00
C ALA A 292 8.60 4.37 33.02
N ASP A 293 8.37 4.13 34.31
CA ASP A 293 9.16 4.78 35.35
C ASP A 293 10.63 4.35 35.28
N ASP A 294 10.89 3.12 34.89
CA ASP A 294 12.25 2.60 34.87
C ASP A 294 13.07 3.08 33.68
N ILE A 295 12.45 3.78 32.73
CA ILE A 295 13.14 4.32 31.56
C ILE A 295 13.41 5.80 31.80
N THR A 296 14.66 6.21 31.63
CA THR A 296 15.09 7.58 31.88
C THR A 296 15.45 8.26 30.56
N GLN A 297 15.87 9.52 30.68
CA GLN A 297 15.98 10.38 29.50
C GLN A 297 17.01 9.88 28.50
N GLU A 298 18.17 9.43 28.97
CA GLU A 298 19.21 8.99 28.04
C GLU A 298 18.78 7.72 27.31
N GLU A 299 18.03 6.83 27.96
CA GLU A 299 17.50 5.66 27.29
C GLU A 299 16.59 6.05 26.13
N TYR A 300 15.69 7.00 26.38
CA TYR A 300 14.80 7.48 25.32
C TYR A 300 15.59 8.14 24.20
N GLY A 301 16.60 8.93 24.55
CA GLY A 301 17.41 9.57 23.52
C GLY A 301 18.13 8.58 22.64
N ASP A 302 18.75 7.57 23.26
CA ASP A 302 19.44 6.54 22.48
C ASP A 302 18.46 5.76 21.61
N PHE A 303 17.30 5.40 22.17
CA PHE A 303 16.31 4.65 21.39
C PHE A 303 15.80 5.46 20.22
N TYR A 304 15.57 6.77 20.43
CA TYR A 304 15.13 7.64 19.35
C TYR A 304 16.19 7.79 18.28
N LYS A 305 17.46 7.93 18.69
CA LYS A 305 18.54 8.02 17.71
C LYS A 305 18.70 6.73 16.94
N SER A 306 18.43 5.59 17.57
CA SER A 306 18.53 4.31 16.87
C SER A 306 17.38 4.14 15.88
N LEU A 307 16.15 4.46 16.31
CA LEU A 307 14.99 4.30 15.44
C LEU A 307 15.07 5.23 14.23
N THR A 308 15.41 6.49 14.46
CA THR A 308 15.59 7.44 13.37
C THR A 308 17.06 7.47 12.95
N ASN A 309 17.43 8.44 12.13
CA ASN A 309 18.83 8.67 11.78
C ASN A 309 19.37 9.97 12.37
N ASP A 310 18.54 10.74 13.06
CA ASP A 310 18.97 12.03 13.58
C ASP A 310 19.98 11.86 14.71
N TRP A 311 21.03 12.68 14.66
CA TRP A 311 22.03 12.72 15.73
C TRP A 311 21.49 13.31 17.02
N GLU A 312 20.38 14.03 16.96
CA GLU A 312 19.86 14.80 18.08
C GLU A 312 18.97 13.95 18.98
N ASP A 313 18.71 14.47 20.17
CA ASP A 313 17.82 13.82 21.12
C ASP A 313 16.37 14.09 20.75
N HIS A 314 15.46 13.49 21.51
CA HIS A 314 14.04 13.70 21.31
C HIS A 314 13.60 15.00 21.99
N LEU A 315 12.75 15.77 21.28
CA LEU A 315 12.17 16.95 21.92
C LEU A 315 11.24 16.55 23.06
N ALA A 316 10.43 15.53 22.86
CA ALA A 316 9.50 15.07 23.88
C ALA A 316 9.21 13.60 23.68
N VAL A 317 8.81 12.93 24.76
CA VAL A 317 8.46 11.52 24.75
C VAL A 317 7.14 11.35 25.47
N LYS A 318 6.38 10.34 25.05
CA LYS A 318 5.09 10.02 25.68
C LYS A 318 4.88 8.52 25.57
N HIS A 319 5.04 7.82 26.69
CA HIS A 319 4.88 6.38 26.76
C HIS A 319 3.60 6.07 27.51
N PHE A 320 2.80 5.17 26.95
CA PHE A 320 1.54 4.77 27.57
C PHE A 320 1.23 3.33 27.18
N SER A 321 0.22 2.77 27.84
CA SER A 321 -0.21 1.41 27.57
C SER A 321 -1.70 1.30 27.85
N VAL A 322 -2.39 0.47 27.06
CA VAL A 322 -3.83 0.27 27.17
C VAL A 322 -4.10 -1.21 27.28
N GLU A 323 -4.98 -1.59 28.19
CA GLU A 323 -5.36 -2.98 28.40
C GLU A 323 -6.87 -3.11 28.38
N GLY A 324 -7.34 -4.35 28.32
CA GLY A 324 -8.77 -4.61 28.29
C GLY A 324 -9.16 -5.48 27.10
N GLN A 325 -10.26 -5.11 26.44
CA GLN A 325 -10.67 -5.83 25.24
C GLN A 325 -9.67 -5.63 24.11
N LEU A 326 -8.99 -4.49 24.09
CA LEU A 326 -7.96 -4.17 23.09
C LEU A 326 -6.68 -3.85 23.84
N GLU A 327 -5.68 -4.72 23.71
CA GLU A 327 -4.44 -4.61 24.47
C GLU A 327 -3.29 -4.34 23.51
N PHE A 328 -2.57 -3.24 23.74
CA PHE A 328 -1.40 -2.90 22.95
C PHE A 328 -0.53 -1.94 23.73
N ARG A 329 0.70 -1.78 23.28
CA ARG A 329 1.65 -0.84 23.86
C ARG A 329 2.15 0.09 22.76
N ALA A 330 2.46 1.33 23.15
CA ALA A 330 2.84 2.35 22.19
C ALA A 330 3.97 3.20 22.76
N LEU A 331 4.71 3.82 21.84
CA LEU A 331 5.75 4.78 22.17
C LEU A 331 5.69 5.90 21.16
N LEU A 332 5.78 7.15 21.63
CA LEU A 332 5.67 8.32 20.77
C LEU A 332 6.86 9.24 20.99
N PHE A 333 7.32 9.86 19.91
CA PHE A 333 8.46 10.76 19.95
C PHE A 333 8.15 12.00 19.11
N VAL A 334 8.67 13.14 19.55
CA VAL A 334 8.59 14.39 18.80
C VAL A 334 10.01 14.84 18.48
N PRO A 335 10.35 15.08 17.22
CA PRO A 335 11.72 15.48 16.89
C PRO A 335 12.07 16.84 17.48
N ARG A 336 13.36 17.02 17.77
CA ARG A 336 13.86 18.28 18.33
C ARG A 336 13.87 19.40 17.30
N ARG A 337 13.57 19.11 16.04
CA ARG A 337 13.58 20.12 14.99
C ARG A 337 12.58 19.73 13.92
N ALA A 338 12.22 20.70 13.08
CA ALA A 338 11.33 20.42 11.96
C ALA A 338 12.01 19.46 10.99
N PRO A 339 11.24 18.61 10.32
CA PRO A 339 11.85 17.62 9.42
C PRO A 339 12.70 18.29 8.36
N PHE A 340 13.87 17.70 8.10
CA PHE A 340 14.78 18.25 7.10
C PHE A 340 14.18 18.22 5.71
N ASP A 341 13.31 17.25 5.43
CA ASP A 341 12.58 17.16 4.18
C ASP A 341 11.20 17.78 4.27
N LEU A 342 11.04 18.81 5.11
CA LEU A 342 9.73 19.46 5.23
C LEU A 342 9.30 20.08 3.90
N PHE A 343 10.23 20.71 3.19
CA PHE A 343 9.93 21.19 1.84
C PHE A 343 9.65 20.03 0.90
N GLU A 344 10.39 18.93 1.02
CA GLU A 344 10.17 17.73 0.23
C GLU A 344 9.23 16.76 0.94
N ASN A 345 7.97 17.18 1.11
CA ASN A 345 6.98 16.38 1.81
C ASN A 345 6.49 15.22 0.95
N LYS A 346 7.01 15.13 -0.29
CA LYS A 346 6.57 14.10 -1.22
C LYS A 346 6.85 12.69 -0.70
N LYS A 347 7.78 12.53 0.25
CA LYS A 347 8.04 11.24 0.84
C LYS A 347 6.79 10.71 1.52
N ARG A 348 6.48 9.44 1.28
CA ARG A 348 5.26 8.85 1.80
C ARG A 348 5.30 8.75 3.32
N LYS A 349 4.12 8.67 3.92
CA LYS A 349 3.96 8.68 5.38
C LYS A 349 4.43 7.36 5.95
N ASN A 350 5.67 7.33 6.44
CA ASN A 350 6.24 6.18 7.12
C ASN A 350 6.73 6.55 8.52
N ASN A 351 6.13 7.60 9.10
CA ASN A 351 6.65 8.15 10.35
C ASN A 351 6.51 7.15 11.50
N ILE A 352 5.38 6.46 11.59
CA ILE A 352 5.10 5.57 12.72
C ILE A 352 5.09 4.13 12.23
N LYS A 353 5.77 3.27 12.97
CA LYS A 353 5.93 1.86 12.62
C LYS A 353 5.09 0.99 13.54
N LEU A 354 4.72 -0.18 13.04
CA LEU A 354 3.86 -1.11 13.76
C LEU A 354 4.56 -2.46 13.83
N TYR A 355 4.50 -3.09 15.00
CA TYR A 355 5.15 -4.37 15.25
C TYR A 355 4.18 -5.25 16.04
N VAL A 356 3.52 -6.18 15.37
CA VAL A 356 2.69 -7.16 16.07
C VAL A 356 3.58 -8.32 16.51
N ARG A 357 3.56 -8.62 17.81
CA ARG A 357 4.37 -9.69 18.39
C ARG A 357 5.85 -9.51 18.07
N ARG A 358 6.30 -8.25 18.11
CA ARG A 358 7.71 -7.89 17.93
C ARG A 358 8.24 -8.24 16.54
N VAL A 359 7.45 -7.97 15.50
CA VAL A 359 7.87 -8.13 14.11
C VAL A 359 7.27 -7.00 13.29
N PHE A 360 8.11 -6.30 12.53
CA PHE A 360 7.63 -5.20 11.71
C PHE A 360 6.67 -5.72 10.65
N ILE A 361 5.64 -4.92 10.35
CA ILE A 361 4.62 -5.31 9.39
C ILE A 361 4.52 -4.28 8.29
N MET A 362 4.21 -3.03 8.66
CA MET A 362 3.88 -2.02 7.68
C MET A 362 3.97 -0.65 8.34
N ASP A 363 4.28 0.36 7.54
CA ASP A 363 4.34 1.74 8.00
C ASP A 363 3.41 2.63 7.19
N ASN A 364 2.36 2.04 6.62
CA ASN A 364 1.34 2.80 5.90
C ASN A 364 0.41 3.46 6.91
N CYS A 365 0.51 4.79 7.04
CA CYS A 365 -0.22 5.51 8.06
C CYS A 365 -1.53 6.10 7.55
N GLU A 366 -1.92 5.80 6.30
CA GLU A 366 -3.19 6.28 5.78
C GLU A 366 -4.38 5.71 6.55
N ASP A 367 -4.20 4.58 7.23
CA ASP A 367 -5.26 3.97 8.01
C ASP A 367 -4.99 3.94 9.51
N LEU A 368 -3.78 4.30 9.94
CA LEU A 368 -3.39 4.20 11.34
C LEU A 368 -3.50 5.53 12.09
N ILE A 369 -3.06 6.63 11.47
CA ILE A 369 -3.10 7.94 12.12
C ILE A 369 -3.54 8.99 11.12
N PRO A 370 -4.23 10.02 11.59
CA PRO A 370 -4.54 11.15 10.70
C PRO A 370 -3.28 11.86 10.26
N GLU A 371 -3.35 12.42 9.05
CA GLU A 371 -2.15 12.96 8.40
C GLU A 371 -1.62 14.21 9.09
N TYR A 372 -2.46 14.95 9.82
CA TYR A 372 -1.97 16.13 10.52
C TYR A 372 -1.15 15.79 11.76
N LEU A 373 -0.84 14.51 11.97
CA LEU A 373 0.14 14.06 12.95
C LEU A 373 1.43 13.64 12.27
N ASN A 374 1.85 14.41 11.26
CA ASN A 374 2.94 13.99 10.38
C ASN A 374 4.24 13.75 11.14
N PHE A 375 4.58 14.62 12.09
CA PHE A 375 5.91 14.62 12.69
C PHE A 375 6.09 13.59 13.79
N ILE A 376 5.03 12.92 14.23
CA ILE A 376 5.17 12.00 15.34
C ILE A 376 5.95 10.76 14.88
N LYS A 377 6.90 10.33 15.71
CA LYS A 377 7.69 9.14 15.46
C LYS A 377 7.46 8.17 16.62
N GLY A 378 7.34 6.88 16.30
CA GLY A 378 7.17 5.91 17.36
C GLY A 378 6.83 4.53 16.83
N VAL A 379 6.64 3.62 17.78
CA VAL A 379 6.38 2.22 17.51
C VAL A 379 5.17 1.78 18.32
N VAL A 380 4.22 1.12 17.65
CA VAL A 380 3.04 0.55 18.30
C VAL A 380 3.16 -0.97 18.24
N ASP A 381 3.02 -1.62 19.39
CA ASP A 381 3.21 -3.06 19.50
C ASP A 381 1.98 -3.67 20.17
N SER A 382 1.14 -4.33 19.38
CA SER A 382 -0.02 -5.03 19.90
C SER A 382 0.28 -6.52 20.04
N GLU A 383 -0.76 -7.30 20.33
CA GLU A 383 -0.58 -8.74 20.53
C GLU A 383 -1.61 -9.62 19.84
N ASP A 384 -2.75 -9.09 19.40
CA ASP A 384 -3.87 -9.92 18.96
C ASP A 384 -4.48 -9.40 17.67
N LEU A 385 -3.64 -9.07 16.69
CA LEU A 385 -4.23 -8.64 15.41
C LEU A 385 -4.36 -9.82 14.45
N PRO A 386 -5.37 -9.80 13.59
CA PRO A 386 -5.58 -10.91 12.64
C PRO A 386 -4.75 -10.78 11.38
N LEU A 387 -3.48 -11.18 11.45
CA LEU A 387 -2.60 -11.12 10.29
C LEU A 387 -3.09 -12.04 9.18
N ASN A 388 -2.92 -11.59 7.94
CA ASN A 388 -3.23 -12.40 6.77
C ASN A 388 -2.07 -13.37 6.53
N ILE A 389 -2.08 -14.06 5.38
CA ILE A 389 -1.06 -15.07 5.13
C ILE A 389 0.27 -14.46 4.69
N SER A 390 0.25 -13.23 4.16
CA SER A 390 1.50 -12.57 3.80
C SER A 390 2.15 -11.85 4.97
N ARG A 391 1.41 -11.64 6.07
CA ARG A 391 1.88 -10.90 7.23
C ARG A 391 2.43 -9.53 6.83
N GLU A 392 1.72 -8.87 5.92
CA GLU A 392 2.08 -7.53 5.49
C GLU A 392 0.87 -6.61 5.55
N MET A 393 -0.33 -7.19 5.40
CA MET A 393 -1.57 -6.44 5.34
C MET A 393 -2.54 -6.95 6.39
N LEU A 394 -3.45 -6.07 6.80
CA LEU A 394 -4.49 -6.38 7.77
C LEU A 394 -5.86 -6.15 7.15
N GLN A 395 -6.81 -7.02 7.51
CA GLN A 395 -8.13 -7.01 6.90
C GLN A 395 -9.12 -6.12 7.66
N GLN A 396 -9.37 -6.43 8.93
CA GLN A 396 -10.36 -5.69 9.70
C GLN A 396 -9.77 -4.36 10.16
N ASN A 397 -10.57 -3.29 10.07
CA ASN A 397 -10.07 -1.93 10.24
C ASN A 397 -10.73 -1.15 11.37
N LYS A 398 -11.78 -1.70 12.00
CA LYS A 398 -12.38 -1.02 13.15
C LYS A 398 -11.36 -0.93 14.28
N ILE A 399 -10.57 -1.99 14.46
CA ILE A 399 -9.47 -1.93 15.42
C ILE A 399 -8.50 -0.81 15.05
N LEU A 400 -8.21 -0.66 13.76
CA LEU A 400 -7.35 0.43 13.33
C LEU A 400 -7.94 1.79 13.70
N LYS A 401 -9.26 1.95 13.54
CA LYS A 401 -9.87 3.23 13.84
C LYS A 401 -9.86 3.53 15.34
N VAL A 402 -10.14 2.52 16.16
CA VAL A 402 -10.13 2.75 17.60
C VAL A 402 -8.71 3.01 18.10
N ILE A 403 -7.72 2.32 17.53
CA ILE A 403 -6.33 2.63 17.85
C ILE A 403 -5.99 4.05 17.43
N ARG A 404 -6.51 4.48 16.27
CA ARG A 404 -6.28 5.84 15.82
C ARG A 404 -6.83 6.86 16.79
N LYS A 405 -8.07 6.67 17.26
CA LYS A 405 -8.66 7.65 18.17
C LYS A 405 -7.95 7.63 19.52
N ASN A 406 -7.57 6.45 20.00
CA ASN A 406 -6.81 6.37 21.25
C ASN A 406 -5.46 7.08 21.12
N LEU A 407 -4.79 6.90 19.98
CA LEU A 407 -3.50 7.55 19.77
C LEU A 407 -3.65 9.05 19.65
N VAL A 408 -4.73 9.52 19.01
CA VAL A 408 -4.98 10.96 18.94
C VAL A 408 -5.18 11.54 20.33
N LYS A 409 -5.99 10.86 21.15
CA LYS A 409 -6.22 11.34 22.51
C LYS A 409 -4.93 11.34 23.33
N LYS A 410 -4.11 10.29 23.20
CA LYS A 410 -2.85 10.24 23.92
C LYS A 410 -1.88 11.32 23.44
N CYS A 411 -1.87 11.60 22.15
CA CYS A 411 -1.01 12.67 21.62
C CYS A 411 -1.47 14.02 22.15
N LEU A 412 -2.77 14.24 22.26
CA LEU A 412 -3.25 15.48 22.87
C LEU A 412 -2.90 15.54 24.36
N GLU A 413 -2.92 14.41 25.05
CA GLU A 413 -2.47 14.39 26.44
C GLU A 413 -1.01 14.80 26.54
N LEU A 414 -0.15 14.26 25.66
CA LEU A 414 1.23 14.70 25.60
C LEU A 414 1.33 16.19 25.28
N PHE A 415 0.45 16.66 24.38
CA PHE A 415 0.38 18.08 24.05
C PHE A 415 0.18 18.91 25.30
N GLU A 416 -0.74 18.50 26.17
CA GLU A 416 -0.99 19.24 27.41
C GLU A 416 0.26 19.28 28.28
N GLU A 417 1.01 18.16 28.33
CA GLU A 417 2.19 18.11 29.17
C GLU A 417 3.21 19.16 28.78
N LEU A 418 3.37 19.40 27.48
CA LEU A 418 4.31 20.43 27.01
C LEU A 418 3.78 21.84 27.24
N ALA A 419 2.47 22.02 27.39
CA ALA A 419 1.92 23.35 27.57
C ALA A 419 2.37 24.00 28.87
N GLU A 420 2.63 23.19 29.89
CA GLU A 420 3.06 23.73 31.18
C GLU A 420 4.41 24.44 31.07
N ASP A 421 5.35 23.86 30.31
CA ASP A 421 6.66 24.45 30.11
C ASP A 421 6.56 25.46 28.98
N LYS A 422 6.52 26.75 29.32
CA LYS A 422 6.20 27.77 28.33
C LYS A 422 7.26 27.88 27.25
N GLU A 423 8.55 27.83 27.63
CA GLU A 423 9.60 28.01 26.64
C GLU A 423 9.66 26.84 25.66
N ASN A 424 9.62 25.62 26.18
CA ASN A 424 9.63 24.45 25.30
C ASN A 424 8.36 24.40 24.44
N TYR A 425 7.22 24.77 25.02
CA TYR A 425 5.99 24.84 24.27
C TYR A 425 6.09 25.84 23.12
N LYS A 426 6.66 27.02 23.40
CA LYS A 426 6.84 28.02 22.36
C LYS A 426 7.76 27.52 21.26
N LYS A 427 8.86 26.87 21.66
CA LYS A 427 9.80 26.33 20.68
C LYS A 427 9.12 25.29 19.79
N TYR A 428 8.37 24.37 20.40
CA TYR A 428 7.69 23.35 19.61
C TYR A 428 6.65 23.97 18.69
N TYR A 429 5.95 25.00 19.17
CA TYR A 429 4.90 25.62 18.38
C TYR A 429 5.49 26.32 17.16
N GLU A 430 6.56 27.10 17.36
CA GLU A 430 7.20 27.72 16.20
C GLU A 430 7.88 26.69 15.32
N GLN A 431 8.12 25.49 15.84
CA GLN A 431 8.70 24.43 15.01
C GLN A 431 7.64 23.77 14.12
N PHE A 432 6.50 23.40 14.70
CA PHE A 432 5.51 22.55 14.04
C PHE A 432 4.11 23.16 14.09
N SER A 433 4.01 24.48 13.90
CA SER A 433 2.71 25.14 14.01
C SER A 433 1.74 24.77 12.89
N LYS A 434 2.23 24.28 11.76
CA LYS A 434 1.36 24.10 10.59
C LYS A 434 0.35 22.99 10.81
N ASN A 435 0.79 21.83 11.30
CA ASN A 435 -0.09 20.68 11.43
C ASN A 435 -1.23 20.95 12.39
N LEU A 436 -1.03 21.83 13.37
CA LEU A 436 -2.12 22.18 14.28
C LEU A 436 -3.28 22.80 13.53
N LYS A 437 -3.01 23.83 12.73
CA LYS A 437 -4.08 24.47 11.97
C LYS A 437 -4.61 23.55 10.89
N LEU A 438 -3.77 22.69 10.32
CA LEU A 438 -4.25 21.69 9.37
C LEU A 438 -5.29 20.78 10.01
N GLY A 439 -4.98 20.24 11.19
CA GLY A 439 -5.94 19.40 11.89
C GLY A 439 -7.18 20.16 12.33
N ILE A 440 -6.99 21.43 12.72
CA ILE A 440 -8.15 22.25 13.09
C ILE A 440 -9.11 22.37 11.92
N HIS A 441 -8.57 22.60 10.71
CA HIS A 441 -9.43 22.63 9.53
C HIS A 441 -10.05 21.27 9.27
N GLU A 442 -9.28 20.19 9.44
CA GLU A 442 -9.81 18.86 9.14
C GLU A 442 -10.63 18.31 10.30
N ASP A 443 -10.00 18.14 11.46
CA ASP A 443 -10.65 17.45 12.58
C ASP A 443 -11.70 18.33 13.24
N ALA A 444 -12.96 18.18 12.82
CA ALA A 444 -14.05 18.87 13.50
C ALA A 444 -14.32 18.28 14.87
N GLN A 445 -14.10 16.98 15.03
CA GLN A 445 -14.36 16.32 16.31
C GLN A 445 -13.45 16.86 17.40
N ASN A 446 -12.17 17.07 17.09
CA ASN A 446 -11.19 17.55 18.05
C ASN A 446 -10.94 19.05 17.94
N ARG A 447 -11.80 19.77 17.20
CA ARG A 447 -11.56 21.19 16.98
C ARG A 447 -11.54 21.97 18.29
N THR A 448 -12.49 21.70 19.18
CA THR A 448 -12.53 22.42 20.45
C THR A 448 -11.38 22.02 21.36
N LYS A 449 -11.01 20.73 21.37
CA LYS A 449 -9.94 20.28 22.25
C LYS A 449 -8.57 20.77 21.80
N LEU A 450 -8.40 21.05 20.51
CA LEU A 450 -7.17 21.69 20.04
C LEU A 450 -7.26 23.21 20.08
N ALA A 451 -8.47 23.77 20.21
CA ALA A 451 -8.63 25.22 20.14
C ALA A 451 -7.90 25.92 21.27
N ASP A 452 -7.88 25.33 22.46
CA ASP A 452 -7.26 25.94 23.62
C ASP A 452 -5.77 25.61 23.75
N LEU A 453 -5.19 24.94 22.76
CA LEU A 453 -3.82 24.45 22.86
C LEU A 453 -2.85 25.16 21.91
N LEU A 454 -3.15 26.39 21.49
CA LEU A 454 -2.24 27.15 20.65
C LEU A 454 -1.83 28.43 21.36
N ARG A 455 -0.53 28.58 21.59
CA ARG A 455 0.03 29.89 21.88
C ARG A 455 0.05 30.72 20.60
N TYR A 456 0.24 32.03 20.77
CA TYR A 456 0.20 32.92 19.61
C TYR A 456 1.06 34.14 19.86
N HIS A 457 2.07 34.33 19.00
CA HIS A 457 2.80 35.59 18.96
C HIS A 457 1.89 36.64 18.32
N THR A 458 1.54 37.67 19.08
CA THR A 458 0.48 38.58 18.67
C THR A 458 0.94 40.03 18.68
N SER A 459 0.00 40.96 18.53
CA SER A 459 0.37 42.37 18.38
C SER A 459 1.06 42.90 19.62
N ALA A 460 0.58 42.55 20.81
CA ALA A 460 1.16 43.04 22.06
C ALA A 460 1.92 41.97 22.83
N SER A 461 1.93 40.73 22.35
CA SER A 461 2.71 39.69 23.01
C SER A 461 4.19 39.78 22.67
N GLY A 462 4.54 40.20 21.46
CA GLY A 462 5.93 40.24 21.07
C GLY A 462 6.49 38.84 20.92
N ASP A 463 7.79 38.70 21.19
CA ASP A 463 8.42 37.39 21.15
C ASP A 463 7.81 36.42 22.15
N GLU A 464 7.44 36.90 23.33
CA GLU A 464 6.68 36.08 24.27
C GLU A 464 5.34 35.70 23.65
N ALA A 465 4.91 34.47 23.93
CA ALA A 465 3.70 33.93 23.33
C ALA A 465 2.53 34.12 24.28
N CYS A 466 1.44 34.69 23.77
CA CYS A 466 0.19 34.82 24.50
C CYS A 466 -0.83 33.87 23.88
N SER A 467 -1.54 33.14 24.74
CA SER A 467 -2.49 32.15 24.28
C SER A 467 -3.91 32.63 24.49
N LEU A 468 -4.80 32.24 23.56
CA LEU A 468 -6.22 32.50 23.75
C LEU A 468 -6.73 31.84 25.03
N LYS A 469 -6.11 30.73 25.44
CA LYS A 469 -6.44 30.14 26.72
C LYS A 469 -6.04 31.06 27.87
N GLU A 470 -4.81 31.58 27.84
CA GLU A 470 -4.41 32.59 28.81
C GLU A 470 -5.19 33.89 28.64
N TYR A 471 -5.73 34.13 27.44
CA TYR A 471 -6.48 35.36 27.20
C TYR A 471 -7.73 35.42 28.05
N VAL A 472 -8.45 34.30 28.17
CA VAL A 472 -9.73 34.26 28.88
C VAL A 472 -9.63 34.83 30.29
N SER A 473 -8.42 34.83 30.86
CA SER A 473 -8.19 35.51 32.12
C SER A 473 -8.28 37.03 32.00
N ARG A 474 -8.32 37.57 30.77
CA ARG A 474 -8.22 39.02 30.58
C ARG A 474 -9.26 39.57 29.61
N MET A 475 -10.30 38.81 29.28
CA MET A 475 -11.48 39.41 28.67
C MET A 475 -12.13 40.42 29.60
N LYS A 476 -12.62 41.51 29.01
CA LYS A 476 -13.53 42.40 29.71
C LYS A 476 -14.95 41.86 29.58
N GLU A 477 -15.85 42.40 30.39
CA GLU A 477 -17.21 41.86 30.45
C GLU A 477 -17.92 41.96 29.10
N ASN A 478 -17.57 42.95 28.29
CA ASN A 478 -18.27 43.19 27.03
C ASN A 478 -17.56 42.61 25.82
N GLN A 479 -16.31 42.17 25.96
CA GLN A 479 -15.56 41.65 24.82
C GLN A 479 -16.17 40.34 24.37
N LYS A 480 -16.51 40.27 23.08
CA LYS A 480 -17.01 39.03 22.46
C LYS A 480 -16.34 38.79 21.11
N HIS A 481 -15.16 39.35 20.89
CA HIS A 481 -14.50 39.30 19.59
C HIS A 481 -13.02 38.96 19.77
N ILE A 482 -12.47 38.36 18.72
CA ILE A 482 -11.06 37.95 18.68
C ILE A 482 -10.41 38.61 17.49
N TYR A 483 -9.23 39.19 17.72
CA TYR A 483 -8.56 40.06 16.76
C TYR A 483 -7.34 39.37 16.17
N TYR A 484 -7.26 39.33 14.84
CA TYR A 484 -6.16 38.67 14.17
C TYR A 484 -6.06 39.20 12.74
N ILE A 485 -5.22 38.55 11.94
CA ILE A 485 -5.16 38.78 10.49
C ILE A 485 -4.54 37.55 9.83
N THR A 486 -5.18 37.07 8.76
CA THR A 486 -4.75 35.87 8.06
C THR A 486 -3.94 36.22 6.81
N GLY A 487 -3.27 35.21 6.28
CA GLY A 487 -2.49 35.40 5.08
C GLY A 487 -1.51 34.25 4.88
N GLU A 488 -0.74 34.35 3.81
CA GLU A 488 0.28 33.34 3.51
C GLU A 488 1.38 33.31 4.57
N ASN A 489 1.78 34.48 5.06
CA ASN A 489 2.83 34.63 6.06
C ASN A 489 2.71 36.04 6.63
N ARG A 490 3.70 36.47 7.40
CA ARG A 490 3.69 37.82 7.94
C ARG A 490 3.75 38.83 6.81
N ASP A 491 2.80 39.76 6.80
CA ASP A 491 2.62 40.69 5.69
C ASP A 491 2.39 42.09 6.23
N GLN A 492 2.52 43.08 5.34
CA GLN A 492 2.35 44.47 5.71
C GLN A 492 0.88 44.90 5.73
N VAL A 493 -0.04 43.99 5.36
CA VAL A 493 -1.46 44.31 5.45
C VAL A 493 -1.90 44.52 6.89
N ALA A 494 -1.13 44.00 7.86
CA ALA A 494 -1.46 44.16 9.28
C ALA A 494 -1.39 45.60 9.75
N ASN A 495 -0.70 46.48 9.03
CA ASN A 495 -0.58 47.88 9.41
C ASN A 495 -1.78 48.71 8.98
N SER A 496 -2.88 48.07 8.55
CA SER A 496 -4.09 48.79 8.23
C SER A 496 -4.72 49.34 9.52
N SER A 497 -5.52 50.40 9.36
CA SER A 497 -6.08 51.14 10.48
C SER A 497 -7.55 50.81 10.73
N PHE A 498 -7.95 49.56 10.56
CA PHE A 498 -9.33 49.17 10.81
C PHE A 498 -9.63 48.92 12.28
N VAL A 499 -8.61 48.78 13.11
CA VAL A 499 -8.81 48.46 14.52
C VAL A 499 -8.42 49.65 15.39
N GLU A 500 -8.50 50.85 14.84
CA GLU A 500 -8.15 52.05 15.60
C GLU A 500 -9.09 52.27 16.78
N ARG A 501 -10.38 51.98 16.59
CA ARG A 501 -11.34 52.14 17.68
C ARG A 501 -11.01 51.21 18.84
N VAL A 502 -10.65 49.96 18.54
CA VAL A 502 -10.31 49.02 19.59
C VAL A 502 -8.92 49.29 20.16
N LYS A 503 -8.10 50.08 19.46
CA LYS A 503 -6.76 50.39 19.93
C LYS A 503 -6.77 51.09 21.29
N LYS A 504 -7.88 51.76 21.64
CA LYS A 504 -8.00 52.32 22.97
C LYS A 504 -8.10 51.23 24.02
N ARG A 505 -8.71 50.09 23.68
CA ARG A 505 -8.80 48.97 24.59
C ARG A 505 -7.52 48.15 24.66
N GLY A 506 -6.62 48.33 23.71
CA GLY A 506 -5.37 47.58 23.70
C GLY A 506 -5.52 46.11 23.42
N TYR A 507 -6.62 45.71 22.75
CA TYR A 507 -6.80 44.31 22.43
C TYR A 507 -5.83 43.88 21.33
N GLU A 508 -5.56 42.58 21.28
CA GLU A 508 -4.37 42.04 20.65
C GLU A 508 -4.71 41.39 19.33
N VAL A 509 -3.93 41.71 18.30
CA VAL A 509 -4.10 41.16 16.96
C VAL A 509 -3.16 39.98 16.78
N VAL A 510 -3.71 38.84 16.38
CA VAL A 510 -2.96 37.60 16.26
C VAL A 510 -2.37 37.48 14.86
N TYR A 511 -1.15 36.93 14.79
CA TYR A 511 -0.54 36.59 13.51
C TYR A 511 -0.85 35.14 13.15
N MET A 512 -1.08 34.90 11.87
CA MET A 512 -1.40 33.57 11.37
C MET A 512 -0.25 33.03 10.53
N THR A 513 0.24 31.85 10.88
CA THR A 513 1.47 31.35 10.28
C THR A 513 1.30 30.99 8.82
N GLU A 514 0.25 30.22 8.49
CA GLU A 514 0.11 29.68 7.15
C GLU A 514 -1.28 29.99 6.60
N PRO A 515 -1.44 29.97 5.28
CA PRO A 515 -2.72 30.37 4.67
C PRO A 515 -3.92 29.57 5.13
N ILE A 516 -3.75 28.32 5.56
CA ILE A 516 -4.89 27.53 6.01
C ILE A 516 -5.61 28.17 7.19
N ASP A 517 -5.00 29.14 7.84
CA ASP A 517 -5.71 29.93 8.84
C ASP A 517 -6.88 30.67 8.23
N GLU A 518 -6.82 30.97 6.93
CA GLU A 518 -7.99 31.49 6.24
C GLU A 518 -9.16 30.52 6.35
N TYR A 519 -8.89 29.22 6.15
CA TYR A 519 -9.89 28.19 6.34
C TYR A 519 -10.09 27.81 7.81
N VAL A 520 -9.06 27.98 8.64
CA VAL A 520 -9.20 27.70 10.07
C VAL A 520 -10.24 28.62 10.69
N VAL A 521 -10.16 29.92 10.39
CA VAL A 521 -11.17 30.86 10.85
C VAL A 521 -12.50 30.64 10.14
N GLN A 522 -12.52 29.88 9.05
CA GLN A 522 -13.76 29.40 8.46
C GLN A 522 -14.26 28.12 9.11
N GLN A 523 -13.42 27.46 9.90
CA GLN A 523 -13.82 26.29 10.68
C GLN A 523 -14.19 26.66 12.11
N MET A 524 -13.30 27.35 12.83
CA MET A 524 -13.64 27.91 14.12
C MET A 524 -14.26 29.29 13.90
N ARG A 525 -15.57 29.36 14.18
CA ARG A 525 -16.29 30.61 14.00
C ARG A 525 -16.49 31.33 15.32
N GLU A 526 -16.25 30.65 16.43
CA GLU A 526 -16.51 31.20 17.75
C GLU A 526 -15.87 30.30 18.79
N TYR A 527 -15.17 30.89 19.76
CA TYR A 527 -14.47 30.15 20.79
C TYR A 527 -15.17 30.41 22.11
N ASP A 528 -15.62 29.32 22.76
CA ASP A 528 -16.35 29.32 24.03
C ASP A 528 -17.41 30.42 24.11
N GLY A 529 -18.05 30.74 22.99
CA GLY A 529 -19.08 31.76 22.96
C GLY A 529 -18.62 33.14 22.58
N LYS A 530 -17.42 33.29 22.02
CA LYS A 530 -16.88 34.59 21.64
C LYS A 530 -16.75 34.64 20.13
N THR A 531 -17.29 35.70 19.53
CA THR A 531 -17.26 35.88 18.08
C THR A 531 -15.87 36.32 17.63
N LEU A 532 -15.74 36.67 16.35
CA LEU A 532 -14.46 37.02 15.75
C LEU A 532 -14.52 38.42 15.15
N VAL A 533 -13.35 38.95 14.80
CA VAL A 533 -13.23 40.27 14.18
C VAL A 533 -11.83 40.38 13.58
N SER A 534 -11.74 41.05 12.44
CA SER A 534 -10.47 41.29 11.77
C SER A 534 -10.72 42.21 10.59
N VAL A 535 -9.62 42.61 9.93
CA VAL A 535 -9.73 43.38 8.70
C VAL A 535 -10.41 42.57 7.61
N THR A 536 -10.00 41.30 7.47
CA THR A 536 -10.61 40.43 6.46
C THR A 536 -12.06 40.11 6.78
N LYS A 537 -12.40 39.99 8.07
CA LYS A 537 -13.76 39.60 8.43
C LYS A 537 -14.73 40.76 8.27
N GLU A 538 -14.54 41.83 9.05
CA GLU A 538 -15.40 43.00 8.94
C GLU A 538 -14.66 44.32 9.09
N GLY A 539 -13.34 44.31 9.28
CA GLY A 539 -12.63 45.55 9.54
C GLY A 539 -12.86 46.05 10.95
N LEU A 540 -14.11 46.42 11.26
CA LEU A 540 -14.46 46.94 12.57
C LEU A 540 -15.96 46.89 12.76
N GLU A 541 -16.40 46.28 13.86
CA GLU A 541 -17.79 46.29 14.29
C GLU A 541 -17.94 47.24 15.46
N LEU A 542 -19.18 47.37 15.95
CA LEU A 542 -19.49 48.21 17.10
C LEU A 542 -20.32 47.45 18.14
N PRO A 543 -19.75 46.40 18.75
CA PRO A 543 -20.41 45.82 19.94
C PRO A 543 -19.90 46.45 21.22
N GLU A 544 -20.81 46.96 22.05
CA GLU A 544 -20.42 47.64 23.28
C GLU A 544 -21.39 47.29 24.39
N ASP A 545 -20.91 47.39 25.62
CA ASP A 545 -21.73 47.14 26.80
C ASP A 545 -22.76 48.25 27.00
N THR B 7 28.65 -48.23 7.28
CA THR B 7 27.80 -47.30 6.55
C THR B 7 27.37 -46.14 7.43
N ASP B 8 26.91 -45.06 6.79
CA ASP B 8 26.44 -43.89 7.52
C ASP B 8 24.92 -43.84 7.60
N SER B 9 24.25 -43.99 6.45
CA SER B 9 22.79 -43.92 6.39
C SER B 9 22.31 -45.04 5.45
N GLY B 10 22.03 -46.21 6.01
CA GLY B 10 21.54 -47.32 5.22
C GLY B 10 20.03 -47.30 5.07
N GLU B 11 19.32 -47.16 6.19
CA GLU B 11 17.87 -47.08 6.15
C GLU B 11 17.43 -45.80 5.47
N VAL B 12 16.52 -45.92 4.51
CA VAL B 12 15.96 -44.76 3.80
C VAL B 12 14.45 -44.96 3.69
N GLU B 13 13.69 -43.93 4.01
CA GLU B 13 12.24 -43.96 3.89
C GLU B 13 11.78 -42.70 3.17
N THR B 14 10.73 -42.84 2.38
CA THR B 14 10.17 -41.73 1.60
C THR B 14 8.68 -41.60 1.90
N PHE B 15 8.19 -40.37 1.91
CA PHE B 15 6.79 -40.09 2.18
C PHE B 15 6.31 -38.97 1.28
N ALA B 16 5.04 -39.05 0.90
CA ALA B 16 4.43 -38.04 0.05
C ALA B 16 3.84 -36.93 0.90
N PHE B 17 3.78 -35.73 0.32
CA PHE B 17 3.24 -34.59 1.02
C PHE B 17 1.72 -34.68 1.10
N GLN B 18 1.18 -34.50 2.31
CA GLN B 18 -0.25 -34.47 2.54
C GLN B 18 -0.65 -33.13 3.14
N ALA B 19 -1.84 -32.66 2.78
CA ALA B 19 -2.38 -31.42 3.29
C ALA B 19 -3.56 -31.72 4.21
N GLU B 20 -3.48 -31.26 5.45
CA GLU B 20 -4.59 -31.42 6.39
C GLU B 20 -5.76 -30.56 5.92
N ILE B 21 -6.86 -31.22 5.55
CA ILE B 21 -7.97 -30.51 4.92
C ILE B 21 -8.64 -29.55 5.90
N ALA B 22 -8.97 -30.05 7.11
CA ALA B 22 -9.90 -29.35 7.99
C ALA B 22 -9.50 -27.90 8.21
N GLN B 23 -8.21 -27.64 8.43
CA GLN B 23 -7.74 -26.27 8.60
C GLN B 23 -7.69 -25.50 7.29
N LEU B 24 -7.61 -26.20 6.15
CA LEU B 24 -7.22 -25.55 4.90
C LEU B 24 -8.32 -24.62 4.39
N MET B 25 -9.57 -25.08 4.37
CA MET B 25 -10.64 -24.19 3.89
C MET B 25 -10.82 -23.00 4.82
N SER B 26 -10.64 -23.19 6.12
CA SER B 26 -10.66 -22.05 7.03
C SER B 26 -9.58 -21.05 6.66
N LEU B 27 -8.37 -21.54 6.40
CA LEU B 27 -7.28 -20.67 5.96
C LEU B 27 -7.66 -19.92 4.69
N ILE B 28 -8.28 -20.62 3.73
CA ILE B 28 -8.67 -19.99 2.48
C ILE B 28 -9.71 -18.90 2.72
N ILE B 29 -10.67 -19.16 3.61
CA ILE B 29 -11.80 -18.25 3.77
C ILE B 29 -11.39 -17.00 4.54
N ASN B 30 -10.84 -17.18 5.74
CA ASN B 30 -10.69 -16.05 6.65
C ASN B 30 -9.30 -15.44 6.66
N THR B 31 -8.46 -15.76 5.68
CA THR B 31 -7.12 -15.18 5.72
C THR B 31 -6.70 -14.53 4.41
N PHE B 32 -7.09 -15.09 3.26
CA PHE B 32 -6.52 -14.66 1.99
C PHE B 32 -6.98 -13.26 1.59
N TYR B 33 -8.28 -13.01 1.66
CA TYR B 33 -8.88 -11.85 1.03
C TYR B 33 -9.09 -10.73 2.04
N SER B 34 -8.71 -9.51 1.65
CA SER B 34 -8.82 -8.36 2.53
C SER B 34 -10.28 -8.07 2.89
N ASN B 35 -11.08 -7.73 1.89
CA ASN B 35 -12.46 -7.33 2.09
C ASN B 35 -13.39 -8.47 1.70
N LYS B 36 -14.61 -8.43 2.25
CA LYS B 36 -15.67 -9.34 1.84
C LYS B 36 -16.40 -8.85 0.61
N GLU B 37 -15.91 -7.78 -0.01
CA GLU B 37 -16.47 -7.18 -1.22
C GLU B 37 -15.97 -7.85 -2.49
N ILE B 38 -15.45 -9.07 -2.40
CA ILE B 38 -14.68 -9.66 -3.48
C ILE B 38 -15.33 -10.92 -4.05
N PHE B 39 -16.27 -11.55 -3.35
CA PHE B 39 -16.85 -12.80 -3.84
C PHE B 39 -17.59 -12.61 -5.17
N LEU B 40 -18.28 -11.48 -5.31
CA LEU B 40 -19.03 -11.21 -6.54
C LEU B 40 -18.09 -11.12 -7.73
N ARG B 41 -16.91 -10.52 -7.55
CA ARG B 41 -15.95 -10.44 -8.64
C ARG B 41 -15.47 -11.82 -9.07
N GLU B 42 -15.19 -12.69 -8.11
CA GLU B 42 -14.75 -14.05 -8.46
C GLU B 42 -15.82 -14.80 -9.22
N LEU B 43 -17.07 -14.69 -8.76
CA LEU B 43 -18.17 -15.40 -9.43
C LEU B 43 -18.39 -14.86 -10.84
N ILE B 44 -18.36 -13.53 -11.01
CA ILE B 44 -18.48 -12.98 -12.35
C ILE B 44 -17.31 -13.43 -13.21
N SER B 45 -16.12 -13.56 -12.62
CA SER B 45 -14.94 -13.96 -13.39
C SER B 45 -15.08 -15.37 -13.94
N ASN B 46 -15.41 -16.34 -13.09
CA ASN B 46 -15.48 -17.70 -13.66
C ASN B 46 -16.73 -17.89 -14.51
N SER B 47 -17.81 -17.14 -14.26
CA SER B 47 -18.93 -17.18 -15.19
C SER B 47 -18.51 -16.67 -16.57
N SER B 48 -17.75 -15.57 -16.62
CA SER B 48 -17.26 -15.07 -17.90
C SER B 48 -16.31 -16.06 -18.55
N ASP B 49 -15.52 -16.78 -17.74
CA ASP B 49 -14.65 -17.80 -18.29
C ASP B 49 -15.46 -18.89 -19.00
N ALA B 50 -16.53 -19.36 -18.37
CA ALA B 50 -17.38 -20.35 -19.01
C ALA B 50 -18.03 -19.80 -20.28
N LEU B 51 -18.48 -18.54 -20.23
CA LEU B 51 -19.09 -17.93 -21.40
C LEU B 51 -18.10 -17.86 -22.57
N ASP B 52 -16.84 -17.50 -22.29
CA ASP B 52 -15.83 -17.46 -23.33
C ASP B 52 -15.53 -18.86 -23.85
N LYS B 53 -15.58 -19.86 -22.97
CA LYS B 53 -15.45 -21.25 -23.43
C LYS B 53 -16.53 -21.57 -24.46
N ILE B 54 -17.78 -21.21 -24.14
CA ILE B 54 -18.89 -21.44 -25.07
C ILE B 54 -18.64 -20.72 -26.39
N ARG B 55 -18.25 -19.44 -26.31
CA ARG B 55 -18.03 -18.65 -27.53
C ARG B 55 -16.96 -19.26 -28.41
N TYR B 56 -15.83 -19.67 -27.82
CA TYR B 56 -14.75 -20.25 -28.62
C TYR B 56 -15.15 -21.58 -29.21
N GLU B 57 -15.77 -22.46 -28.43
CA GLU B 57 -16.17 -23.75 -28.99
C GLU B 57 -17.33 -23.64 -29.96
N SER B 58 -18.03 -22.51 -29.98
CA SER B 58 -19.13 -22.32 -30.91
C SER B 58 -18.70 -21.66 -32.22
N LEU B 59 -17.71 -20.76 -32.17
CA LEU B 59 -17.26 -20.10 -33.39
C LEU B 59 -16.79 -21.12 -34.43
N THR B 60 -16.13 -22.18 -34.00
CA THR B 60 -15.70 -23.21 -34.93
C THR B 60 -16.85 -24.14 -35.34
N ASP B 61 -17.72 -24.48 -34.41
CA ASP B 61 -18.80 -25.44 -34.66
C ASP B 61 -20.12 -24.89 -34.12
N PRO B 62 -21.09 -24.57 -34.99
CA PRO B 62 -22.40 -24.13 -34.50
C PRO B 62 -23.25 -25.24 -33.91
N SER B 63 -22.84 -26.50 -34.05
CA SER B 63 -23.63 -27.59 -33.48
C SER B 63 -23.65 -27.52 -31.95
N LYS B 64 -22.54 -27.13 -31.34
CA LYS B 64 -22.50 -26.99 -29.89
C LYS B 64 -23.48 -25.92 -29.42
N LEU B 65 -23.53 -24.80 -30.13
CA LEU B 65 -24.41 -23.69 -29.74
C LEU B 65 -25.85 -23.99 -30.12
N ASP B 66 -26.54 -24.80 -29.32
CA ASP B 66 -27.96 -25.00 -29.46
C ASP B 66 -28.70 -24.26 -28.34
N SER B 67 -30.03 -24.36 -28.36
CA SER B 67 -30.90 -23.75 -27.34
C SER B 67 -30.61 -22.24 -27.32
N GLY B 68 -30.41 -21.64 -26.15
CA GLY B 68 -30.23 -20.21 -26.06
C GLY B 68 -29.01 -19.67 -26.76
N LYS B 69 -29.22 -18.92 -27.85
CA LYS B 69 -28.11 -18.32 -28.57
C LYS B 69 -27.53 -17.13 -27.81
N GLU B 70 -28.40 -16.30 -27.22
CA GLU B 70 -27.94 -15.09 -26.55
C GLU B 70 -27.06 -15.44 -25.36
N LEU B 71 -26.01 -14.65 -25.15
CA LEU B 71 -25.08 -14.82 -24.05
C LEU B 71 -25.20 -13.64 -23.11
N TYR B 72 -25.42 -13.93 -21.82
CA TYR B 72 -25.70 -12.89 -20.85
C TYR B 72 -25.51 -13.46 -19.44
N ILE B 73 -25.45 -12.55 -18.48
CA ILE B 73 -25.32 -12.91 -17.07
C ILE B 73 -26.36 -12.13 -16.28
N LYS B 74 -27.13 -12.83 -15.45
CA LYS B 74 -28.16 -12.22 -14.62
C LYS B 74 -27.77 -12.33 -13.15
N ILE B 75 -27.93 -11.23 -12.43
CA ILE B 75 -27.63 -11.17 -11.00
C ILE B 75 -28.97 -11.03 -10.28
N ILE B 76 -29.28 -11.99 -9.41
CA ILE B 76 -30.59 -12.02 -8.76
C ILE B 76 -30.45 -12.00 -7.24
N PRO B 77 -30.56 -10.83 -6.61
CA PRO B 77 -30.66 -10.78 -5.15
C PRO B 77 -32.10 -10.87 -4.68
N ASN B 78 -32.33 -11.78 -3.74
CA ASN B 78 -33.66 -12.02 -3.17
C ASN B 78 -33.67 -11.47 -1.74
N LYS B 79 -34.29 -10.30 -1.57
CA LYS B 79 -34.35 -9.69 -0.24
C LYS B 79 -35.19 -10.51 0.72
N SER B 80 -36.33 -11.03 0.25
CA SER B 80 -37.27 -11.68 1.16
C SER B 80 -36.66 -12.90 1.82
N GLU B 81 -35.97 -13.73 1.04
CA GLU B 81 -35.37 -14.95 1.57
C GLU B 81 -33.89 -14.81 1.92
N GLY B 82 -33.21 -13.81 1.36
CA GLY B 82 -31.78 -13.69 1.52
C GLY B 82 -30.98 -14.52 0.54
N THR B 83 -31.64 -15.30 -0.30
CA THR B 83 -30.94 -16.11 -1.28
C THR B 83 -30.29 -15.21 -2.34
N PHE B 84 -29.03 -15.50 -2.67
CA PHE B 84 -28.29 -14.79 -3.71
C PHE B 84 -28.20 -15.70 -4.92
N THR B 85 -28.86 -15.32 -6.01
CA THR B 85 -28.97 -16.15 -7.19
C THR B 85 -28.17 -15.53 -8.33
N ILE B 86 -27.32 -16.33 -8.97
CA ILE B 86 -26.50 -15.90 -10.08
C ILE B 86 -26.85 -16.75 -11.29
N ILE B 87 -27.09 -16.10 -12.42
CA ILE B 87 -27.53 -16.76 -13.64
C ILE B 87 -26.51 -16.51 -14.74
N ASP B 88 -25.97 -17.58 -15.31
CA ASP B 88 -25.09 -17.49 -16.46
C ASP B 88 -25.45 -18.58 -17.46
N THR B 89 -25.03 -18.39 -18.71
CA THR B 89 -25.33 -19.33 -19.77
C THR B 89 -24.05 -19.91 -20.36
N GLY B 90 -23.13 -20.34 -19.50
CA GLY B 90 -21.83 -20.82 -19.91
C GLY B 90 -21.81 -22.30 -20.25
N ILE B 91 -20.60 -22.85 -20.28
CA ILE B 91 -20.41 -24.23 -20.72
C ILE B 91 -21.10 -25.21 -19.78
N GLY B 92 -21.33 -24.83 -18.54
CA GLY B 92 -21.94 -25.72 -17.59
C GLY B 92 -20.96 -26.71 -17.00
N MET B 93 -21.52 -27.73 -16.36
CA MET B 93 -20.73 -28.72 -15.63
C MET B 93 -21.10 -30.11 -16.14
N THR B 94 -20.37 -31.11 -15.65
CA THR B 94 -20.73 -32.51 -15.82
C THR B 94 -20.61 -33.21 -14.48
N LYS B 95 -20.80 -34.54 -14.45
CA LYS B 95 -20.59 -35.26 -13.21
C LYS B 95 -19.14 -35.17 -12.75
N ALA B 96 -18.20 -35.52 -13.64
CA ALA B 96 -16.79 -35.44 -13.30
C ALA B 96 -16.37 -34.00 -13.02
N ASP B 97 -16.99 -33.05 -13.69
CA ASP B 97 -16.66 -31.64 -13.47
C ASP B 97 -16.92 -31.24 -12.03
N LEU B 98 -18.13 -31.50 -11.53
CA LEU B 98 -18.43 -31.16 -10.14
C LEU B 98 -17.72 -32.08 -9.16
N VAL B 99 -17.33 -33.28 -9.60
CA VAL B 99 -16.58 -34.15 -8.70
C VAL B 99 -15.17 -33.62 -8.48
N ASN B 100 -14.52 -33.12 -9.54
CA ASN B 100 -13.10 -32.78 -9.48
C ASN B 100 -12.82 -31.29 -9.58
N ASN B 101 -13.28 -30.63 -10.64
CA ASN B 101 -12.85 -29.27 -10.94
C ASN B 101 -13.35 -28.25 -9.92
N LEU B 102 -14.30 -28.61 -9.08
CA LEU B 102 -14.79 -27.71 -8.04
C LEU B 102 -14.81 -28.31 -6.65
N GLY B 103 -14.89 -29.64 -6.53
CA GLY B 103 -14.87 -30.30 -5.25
C GLY B 103 -13.49 -30.65 -4.73
N THR B 104 -12.44 -30.05 -5.30
CA THR B 104 -11.08 -30.28 -4.83
C THR B 104 -10.29 -28.98 -4.98
N ILE B 105 -9.67 -28.56 -3.89
CA ILE B 105 -8.96 -27.29 -3.88
C ILE B 105 -7.64 -27.42 -4.63
N ALA B 106 -7.07 -26.27 -5.01
CA ALA B 106 -5.83 -26.20 -5.77
C ALA B 106 -5.98 -26.90 -7.12
N LYS B 107 -6.98 -26.48 -7.89
CA LYS B 107 -7.25 -27.05 -9.20
C LYS B 107 -8.17 -26.10 -9.96
N SER B 108 -7.84 -25.82 -11.21
CA SER B 108 -8.61 -24.91 -12.03
C SER B 108 -8.89 -25.54 -13.38
N GLY B 109 -10.08 -25.26 -13.93
CA GLY B 109 -10.46 -25.83 -15.20
C GLY B 109 -9.75 -25.18 -16.37
N THR B 110 -9.42 -23.89 -16.25
CA THR B 110 -8.78 -23.19 -17.36
C THR B 110 -7.41 -23.78 -17.67
N LYS B 111 -6.64 -24.12 -16.63
CA LYS B 111 -5.32 -24.70 -16.84
C LYS B 111 -5.42 -26.01 -17.63
N ALA B 112 -6.36 -26.88 -17.24
CA ALA B 112 -6.57 -28.11 -17.98
C ALA B 112 -7.14 -27.85 -19.36
N PHE B 113 -7.78 -26.70 -19.55
CA PHE B 113 -8.32 -26.35 -20.85
C PHE B 113 -7.23 -25.91 -21.82
N MET B 114 -6.23 -25.19 -21.33
CA MET B 114 -5.09 -24.84 -22.18
C MET B 114 -4.27 -26.06 -22.57
N GLU B 115 -4.33 -27.14 -21.79
CA GLU B 115 -3.59 -28.34 -22.15
C GLU B 115 -4.16 -29.03 -23.39
N ALA B 116 -5.41 -28.72 -23.75
CA ALA B 116 -5.99 -29.20 -24.99
C ALA B 116 -5.90 -28.20 -26.12
N LEU B 117 -5.87 -26.91 -25.81
CA LEU B 117 -5.71 -25.85 -26.80
C LEU B 117 -4.31 -25.28 -26.67
N GLN B 118 -3.39 -25.80 -27.49
CA GLN B 118 -1.99 -25.42 -27.42
C GLN B 118 -1.51 -24.65 -28.65
N ALA B 119 -2.42 -24.27 -29.54
CA ALA B 119 -2.04 -23.52 -30.74
C ALA B 119 -3.09 -22.46 -31.04
N GLY B 120 -2.65 -21.21 -31.13
CA GLY B 120 -3.53 -20.12 -31.51
C GLY B 120 -4.69 -19.87 -30.57
N ALA B 121 -4.45 -19.95 -29.26
CA ALA B 121 -5.50 -19.69 -28.27
C ALA B 121 -5.68 -18.18 -28.13
N ASP B 122 -6.52 -17.64 -29.00
CA ASP B 122 -6.80 -16.20 -29.01
C ASP B 122 -7.98 -15.86 -28.09
N ILE B 123 -7.92 -16.35 -26.86
CA ILE B 123 -8.97 -16.13 -25.86
C ILE B 123 -8.30 -15.65 -24.58
N SER B 124 -9.02 -14.83 -23.83
CA SER B 124 -8.53 -14.27 -22.56
C SER B 124 -9.35 -14.82 -21.40
N MET B 125 -8.77 -15.78 -20.68
CA MET B 125 -9.36 -16.30 -19.46
C MET B 125 -8.74 -15.61 -18.26
N ILE B 126 -9.34 -15.83 -17.10
CA ILE B 126 -8.84 -15.25 -15.85
C ILE B 126 -8.60 -16.28 -14.76
N GLY B 127 -9.16 -17.47 -14.84
CA GLY B 127 -9.10 -18.43 -13.75
C GLY B 127 -7.94 -19.40 -13.74
N GLN B 128 -6.73 -18.96 -13.38
CA GLN B 128 -5.58 -19.85 -13.34
C GLN B 128 -5.34 -20.49 -11.97
N PHE B 129 -5.59 -19.77 -10.88
CA PHE B 129 -5.13 -20.22 -9.57
C PHE B 129 -5.85 -21.49 -9.11
N GLY B 130 -7.17 -21.50 -9.16
CA GLY B 130 -7.94 -22.66 -8.79
C GLY B 130 -8.57 -22.64 -7.41
N VAL B 131 -8.34 -21.60 -6.61
CA VAL B 131 -8.95 -21.51 -5.29
C VAL B 131 -9.66 -20.17 -5.13
N GLY B 132 -10.09 -19.58 -6.24
CA GLY B 132 -10.84 -18.34 -6.20
C GLY B 132 -12.34 -18.50 -6.06
N PHE B 133 -12.85 -19.72 -6.14
CA PHE B 133 -14.29 -19.93 -6.01
C PHE B 133 -14.76 -19.86 -4.57
N TYR B 134 -13.90 -20.19 -3.62
CA TYR B 134 -14.31 -20.30 -2.22
C TYR B 134 -14.45 -18.95 -1.54
N SER B 135 -14.21 -17.85 -2.24
CA SER B 135 -14.45 -16.54 -1.67
C SER B 135 -15.93 -16.28 -1.40
N CYS B 136 -16.81 -17.12 -1.94
CA CYS B 136 -18.24 -16.98 -1.69
C CYS B 136 -18.60 -17.31 -0.25
N TYR B 137 -17.86 -18.21 0.40
CA TYR B 137 -18.12 -18.52 1.80
C TYR B 137 -17.91 -17.33 2.73
N LEU B 138 -17.33 -16.24 2.23
CA LEU B 138 -17.14 -15.05 3.05
C LEU B 138 -18.45 -14.32 3.31
N VAL B 139 -19.47 -14.54 2.49
CA VAL B 139 -20.72 -13.79 2.57
C VAL B 139 -21.93 -14.71 2.73
N ALA B 140 -21.74 -16.02 2.83
CA ALA B 140 -22.86 -16.93 2.87
C ALA B 140 -22.53 -18.12 3.76
N ASP B 141 -23.59 -18.79 4.23
CA ASP B 141 -23.48 -19.99 5.04
C ASP B 141 -23.57 -21.27 4.22
N ARG B 142 -24.44 -21.31 3.22
CA ARG B 142 -24.66 -22.48 2.39
C ARG B 142 -24.70 -22.08 0.93
N VAL B 143 -24.22 -22.97 0.06
CA VAL B 143 -24.09 -22.69 -1.36
C VAL B 143 -24.93 -23.69 -2.14
N THR B 144 -25.54 -23.22 -3.22
CA THR B 144 -26.31 -24.07 -4.11
C THR B 144 -25.94 -23.73 -5.54
N VAL B 145 -25.60 -24.75 -6.33
CA VAL B 145 -25.21 -24.59 -7.72
C VAL B 145 -26.15 -25.39 -8.59
N HIS B 146 -26.82 -24.71 -9.51
CA HIS B 146 -27.64 -25.36 -10.53
C HIS B 146 -26.84 -25.36 -11.84
N SER B 147 -26.65 -26.54 -12.42
CA SER B 147 -25.83 -26.66 -13.61
C SER B 147 -26.48 -27.61 -14.61
N LYS B 148 -26.23 -27.34 -15.89
CA LYS B 148 -26.73 -28.19 -16.96
C LYS B 148 -25.84 -27.99 -18.19
N HIS B 149 -25.17 -29.06 -18.62
CA HIS B 149 -24.33 -29.01 -19.80
C HIS B 149 -25.17 -29.16 -21.07
N ASN B 150 -24.59 -28.77 -22.20
CA ASN B 150 -25.17 -29.10 -23.49
C ASN B 150 -25.03 -30.58 -23.81
N ASP B 151 -24.25 -31.33 -23.02
CA ASP B 151 -24.06 -32.76 -23.20
C ASP B 151 -24.81 -33.59 -22.19
N ASP B 152 -24.68 -33.29 -20.89
CA ASP B 152 -25.26 -34.11 -19.84
C ASP B 152 -26.48 -33.43 -19.22
N GLU B 153 -27.02 -34.05 -18.18
CA GLU B 153 -28.27 -33.63 -17.57
C GLU B 153 -28.02 -32.47 -16.60
N GLN B 154 -29.04 -32.15 -15.80
CA GLN B 154 -28.96 -31.12 -14.79
C GLN B 154 -28.56 -31.75 -13.46
N TYR B 155 -27.77 -31.03 -12.67
CA TYR B 155 -27.17 -31.61 -11.48
C TYR B 155 -27.07 -30.57 -10.36
N MET B 156 -26.91 -31.07 -9.15
CA MET B 156 -26.93 -30.27 -7.92
C MET B 156 -25.57 -30.32 -7.24
N TRP B 157 -25.04 -29.16 -6.88
CA TRP B 157 -23.89 -29.06 -5.99
C TRP B 157 -24.34 -28.40 -4.70
N GLU B 158 -24.08 -29.05 -3.57
CA GLU B 158 -24.53 -28.54 -2.28
C GLU B 158 -23.51 -28.89 -1.21
N SER B 159 -22.98 -27.88 -0.54
CA SER B 159 -22.01 -28.08 0.53
C SER B 159 -21.95 -26.84 1.41
N SER B 160 -22.08 -27.03 2.72
CA SER B 160 -21.92 -25.95 3.67
C SER B 160 -21.14 -26.32 4.92
N ALA B 161 -20.95 -27.61 5.22
CA ALA B 161 -20.30 -28.00 6.47
C ALA B 161 -18.80 -27.74 6.45
N GLY B 162 -18.19 -27.60 5.28
CA GLY B 162 -16.75 -27.46 5.22
C GLY B 162 -16.03 -28.73 5.63
N GLY B 163 -16.05 -29.73 4.75
CA GLY B 163 -15.51 -31.03 5.08
C GLY B 163 -16.31 -32.16 4.45
N SER B 164 -17.45 -31.81 3.85
CA SER B 164 -18.26 -32.76 3.12
C SER B 164 -19.14 -32.00 2.14
N PHE B 165 -19.49 -32.66 1.04
CA PHE B 165 -20.35 -32.07 0.04
C PHE B 165 -21.37 -33.10 -0.44
N THR B 166 -22.46 -32.59 -1.00
CA THR B 166 -23.56 -33.43 -1.46
C THR B 166 -23.91 -33.08 -2.90
N VAL B 167 -24.10 -34.11 -3.72
CA VAL B 167 -24.52 -33.95 -5.11
C VAL B 167 -25.70 -34.88 -5.36
N ARG B 168 -26.60 -34.43 -6.23
CA ARG B 168 -27.80 -35.21 -6.54
C ARG B 168 -28.31 -34.81 -7.91
N THR B 169 -29.01 -35.74 -8.55
CA THR B 169 -29.59 -35.48 -9.86
C THR B 169 -30.78 -34.53 -9.71
N ASP B 170 -30.74 -33.42 -10.46
CA ASP B 170 -31.80 -32.44 -10.36
C ASP B 170 -33.10 -32.99 -10.93
N HIS B 171 -34.22 -32.55 -10.35
CA HIS B 171 -35.55 -32.92 -10.79
C HIS B 171 -36.46 -31.70 -10.80
N GLY B 172 -35.86 -30.51 -10.73
CA GLY B 172 -36.62 -29.28 -10.70
C GLY B 172 -36.74 -28.64 -12.07
N GLU B 173 -36.84 -27.32 -12.12
CA GLU B 173 -36.93 -26.64 -13.39
C GLU B 173 -35.65 -26.87 -14.21
N PRO B 174 -35.76 -27.05 -15.52
CA PRO B 174 -34.57 -27.31 -16.33
C PRO B 174 -33.94 -26.03 -16.87
N LEU B 175 -32.61 -26.04 -16.95
CA LEU B 175 -31.87 -24.91 -17.49
C LEU B 175 -31.57 -25.08 -18.97
N GLY B 176 -31.27 -26.29 -19.41
CA GLY B 176 -30.91 -26.54 -20.79
C GLY B 176 -29.49 -26.14 -21.11
N ARG B 177 -29.09 -24.94 -20.67
CA ARG B 177 -27.77 -24.40 -20.95
C ARG B 177 -27.37 -23.46 -19.83
N GLY B 178 -26.15 -23.61 -19.33
CA GLY B 178 -25.60 -22.68 -18.37
C GLY B 178 -25.61 -23.23 -16.95
N THR B 179 -25.26 -22.34 -16.02
CA THR B 179 -25.21 -22.67 -14.60
C THR B 179 -25.91 -21.60 -13.80
N LYS B 180 -26.41 -21.99 -12.63
CA LYS B 180 -27.08 -21.07 -11.72
C LYS B 180 -26.50 -21.24 -10.32
N ILE B 181 -26.08 -20.13 -9.71
CA ILE B 181 -25.42 -20.12 -8.42
C ILE B 181 -26.38 -19.51 -7.40
N VAL B 182 -26.65 -20.24 -6.32
CA VAL B 182 -27.53 -19.78 -5.26
C VAL B 182 -26.74 -19.77 -3.96
N LEU B 183 -26.77 -18.62 -3.27
CA LEU B 183 -26.05 -18.42 -2.02
C LEU B 183 -27.02 -18.05 -0.91
N HIS B 184 -26.85 -18.68 0.25
CA HIS B 184 -27.62 -18.37 1.44
C HIS B 184 -26.82 -17.33 2.23
N ILE B 185 -27.05 -16.06 1.91
CA ILE B 185 -26.29 -14.95 2.49
C ILE B 185 -26.40 -14.98 4.02
N LYS B 186 -25.36 -14.49 4.69
CA LYS B 186 -25.36 -14.47 6.14
C LYS B 186 -26.30 -13.40 6.67
N GLU B 187 -26.96 -13.70 7.78
CA GLU B 187 -27.95 -12.78 8.35
C GLU B 187 -27.31 -11.47 8.78
N ASP B 188 -26.14 -11.53 9.42
CA ASP B 188 -25.50 -10.31 9.92
C ASP B 188 -25.10 -9.40 8.77
N LEU B 189 -24.54 -9.96 7.70
CA LEU B 189 -24.09 -9.17 6.55
C LEU B 189 -25.13 -9.16 5.44
N ALA B 190 -26.42 -9.14 5.80
CA ALA B 190 -27.49 -9.10 4.81
C ALA B 190 -27.55 -7.79 4.04
N GLU B 191 -26.81 -6.76 4.48
CA GLU B 191 -26.86 -5.48 3.79
C GLU B 191 -26.31 -5.55 2.37
N TYR B 192 -25.60 -6.63 2.02
CA TYR B 192 -25.16 -6.81 0.65
C TYR B 192 -26.32 -6.95 -0.32
N LEU B 193 -27.49 -7.36 0.18
CA LEU B 193 -28.68 -7.48 -0.68
C LEU B 193 -29.19 -6.13 -1.16
N GLU B 194 -28.71 -5.02 -0.60
CA GLU B 194 -29.06 -3.71 -1.13
C GLU B 194 -28.64 -3.62 -2.60
N VAL B 195 -29.54 -3.06 -3.41
CA VAL B 195 -29.28 -2.97 -4.84
C VAL B 195 -28.13 -1.99 -5.11
N ASN B 196 -28.08 -0.89 -4.35
CA ASN B 196 -27.03 0.11 -4.58
C ASN B 196 -25.64 -0.44 -4.29
N LYS B 197 -25.50 -1.23 -3.22
CA LYS B 197 -24.22 -1.82 -2.88
C LYS B 197 -23.73 -2.72 -4.02
N ILE B 198 -24.62 -3.59 -4.52
CA ILE B 198 -24.25 -4.48 -5.61
C ILE B 198 -23.89 -3.68 -6.85
N LYS B 199 -24.67 -2.64 -7.14
CA LYS B 199 -24.38 -1.79 -8.29
C LYS B 199 -22.97 -1.20 -8.19
N GLU B 200 -22.62 -0.67 -7.02
CA GLU B 200 -21.32 -0.04 -6.86
C GLU B 200 -20.18 -1.05 -6.94
N ILE B 201 -20.35 -2.23 -6.34
CA ILE B 201 -19.31 -3.25 -6.42
C ILE B 201 -19.10 -3.69 -7.87
N VAL B 202 -20.20 -3.89 -8.60
CA VAL B 202 -20.09 -4.30 -10.01
C VAL B 202 -19.41 -3.20 -10.82
N LYS B 203 -19.79 -1.95 -10.60
CA LYS B 203 -19.21 -0.85 -11.35
C LYS B 203 -17.71 -0.70 -11.06
N LYS B 204 -17.30 -0.95 -9.82
CA LYS B 204 -15.89 -0.76 -9.48
C LYS B 204 -15.04 -1.94 -9.96
N HIS B 205 -15.36 -3.16 -9.52
CA HIS B 205 -14.39 -4.24 -9.63
C HIS B 205 -14.44 -4.95 -10.98
N SER B 206 -15.59 -5.01 -11.64
CA SER B 206 -15.73 -5.77 -12.87
C SER B 206 -16.54 -5.00 -13.90
N GLN B 207 -16.23 -3.71 -14.05
CA GLN B 207 -17.03 -2.85 -14.92
C GLN B 207 -16.99 -3.28 -16.38
N PHE B 208 -15.88 -3.88 -16.83
CA PHE B 208 -15.64 -4.13 -18.25
C PHE B 208 -15.38 -5.61 -18.47
N ILE B 209 -16.24 -6.46 -17.91
CA ILE B 209 -16.06 -7.90 -18.05
C ILE B 209 -16.21 -8.31 -19.52
N GLY B 210 -17.11 -7.66 -20.23
CA GLY B 210 -17.30 -7.89 -21.65
C GLY B 210 -18.53 -8.69 -22.07
N TYR B 211 -19.61 -8.65 -21.30
CA TYR B 211 -20.84 -9.36 -21.63
C TYR B 211 -22.02 -8.59 -21.07
N PRO B 212 -23.24 -8.92 -21.49
CA PRO B 212 -24.42 -8.31 -20.88
C PRO B 212 -24.62 -8.77 -19.44
N ILE B 213 -24.42 -7.86 -18.49
CA ILE B 213 -24.75 -8.13 -17.09
C ILE B 213 -26.08 -7.42 -16.85
N LYS B 214 -27.17 -8.19 -16.97
CA LYS B 214 -28.49 -7.58 -17.04
C LYS B 214 -28.99 -7.09 -15.69
N LEU B 215 -28.61 -7.78 -14.60
CA LEU B 215 -29.13 -7.47 -13.27
C LEU B 215 -30.65 -7.55 -13.24
N THR B 216 -31.22 -8.51 -13.96
CA THR B 216 -32.68 -8.68 -14.02
C THR B 216 -33.13 -9.36 -12.74
N VAL B 217 -33.18 -8.57 -11.67
CA VAL B 217 -33.66 -9.07 -10.39
C VAL B 217 -35.13 -9.44 -10.52
N GLU B 218 -35.57 -10.40 -9.69
CA GLU B 218 -36.95 -10.88 -9.77
C GLU B 218 -37.93 -9.73 -9.56
N LYS B 219 -38.93 -9.65 -10.44
CA LYS B 219 -39.94 -8.60 -10.35
C LYS B 219 -40.80 -8.85 -9.12
N GLU B 220 -40.62 -8.01 -8.11
CA GLU B 220 -41.35 -8.16 -6.85
C GLU B 220 -42.82 -7.80 -7.09
N ARG B 221 -43.65 -8.83 -7.23
CA ARG B 221 -45.06 -8.61 -7.52
C ARG B 221 -45.75 -7.94 -6.34
N GLU B 222 -46.43 -6.83 -6.62
CA GLU B 222 -47.15 -6.05 -5.61
C GLU B 222 -48.54 -5.78 -6.19
N LYS B 223 -49.48 -6.68 -5.89
CA LYS B 223 -50.81 -6.61 -6.47
C LYS B 223 -51.55 -5.39 -5.93
N GLU B 224 -51.71 -4.38 -6.79
CA GLU B 224 -52.45 -3.16 -6.45
C GLU B 224 -51.93 -2.50 -5.19
N LYS B 267 -57.43 10.83 -11.43
CA LYS B 267 -56.01 10.67 -11.72
C LYS B 267 -55.32 9.81 -10.67
N LYS B 268 -54.81 8.66 -11.10
CA LYS B 268 -54.12 7.73 -10.22
C LYS B 268 -52.71 7.48 -10.74
N LYS B 269 -51.73 7.61 -9.86
CA LYS B 269 -50.34 7.39 -10.25
C LYS B 269 -50.11 5.91 -10.59
N THR B 270 -49.33 5.69 -11.64
CA THR B 270 -49.03 4.34 -12.10
C THR B 270 -47.94 3.73 -11.23
N ILE B 271 -47.76 2.40 -11.36
CA ILE B 271 -46.68 1.72 -10.67
C ILE B 271 -45.35 2.17 -11.24
N LYS B 272 -44.28 2.02 -10.45
CA LYS B 272 -42.97 2.52 -10.84
C LYS B 272 -41.95 1.43 -11.08
N GLU B 273 -42.24 0.19 -10.69
CA GLU B 273 -41.27 -0.90 -10.87
C GLU B 273 -41.87 -1.96 -11.81
N LYS B 274 -41.71 -1.70 -13.11
CA LYS B 274 -42.00 -2.73 -14.10
C LYS B 274 -40.89 -3.77 -14.15
N TYR B 275 -39.65 -3.36 -13.94
CA TYR B 275 -38.50 -4.24 -13.97
C TYR B 275 -37.37 -3.58 -13.22
N THR B 276 -36.44 -4.39 -12.72
CA THR B 276 -35.28 -3.83 -12.04
C THR B 276 -34.31 -3.26 -13.07
N GLU B 277 -33.26 -2.59 -12.58
CA GLU B 277 -32.44 -1.78 -13.47
C GLU B 277 -31.62 -2.64 -14.40
N ASP B 278 -32.16 -2.93 -15.58
CA ASP B 278 -31.44 -3.63 -16.64
C ASP B 278 -30.80 -2.64 -17.61
N GLU B 279 -30.05 -1.70 -17.06
CA GLU B 279 -29.47 -0.61 -17.82
C GLU B 279 -28.07 -0.98 -18.32
N GLU B 280 -27.44 -0.02 -18.99
CA GLU B 280 -26.10 -0.21 -19.53
C GLU B 280 -25.00 0.17 -18.54
N LEU B 281 -25.31 0.14 -17.24
CA LEU B 281 -24.28 0.34 -16.22
C LEU B 281 -23.45 -0.93 -16.05
N ASN B 282 -24.10 -2.03 -15.67
CA ASN B 282 -23.44 -3.33 -15.68
C ASN B 282 -23.27 -3.87 -17.10
N LYS B 283 -24.00 -3.31 -18.06
CA LYS B 283 -23.94 -3.72 -19.46
C LYS B 283 -23.09 -2.78 -20.30
N THR B 284 -22.25 -1.95 -19.67
CA THR B 284 -21.45 -0.98 -20.38
C THR B 284 -20.49 -1.66 -21.36
N LYS B 285 -20.73 -1.45 -22.65
CA LYS B 285 -20.03 -2.13 -23.74
C LYS B 285 -18.60 -1.60 -23.88
N PRO B 286 -18.34 -0.26 -23.78
CA PRO B 286 -16.97 0.24 -24.01
C PRO B 286 -15.86 -0.52 -23.29
N ILE B 287 -15.03 -1.22 -24.06
CA ILE B 287 -13.81 -1.85 -23.57
C ILE B 287 -12.56 -1.17 -24.12
N TRP B 288 -12.73 -0.11 -24.92
CA TRP B 288 -11.63 0.69 -25.47
C TRP B 288 -10.65 -0.15 -26.31
N THR B 289 -11.06 -1.35 -26.69
CA THR B 289 -10.20 -2.29 -27.40
C THR B 289 -9.97 -1.91 -28.85
N ARG B 290 -10.74 -0.96 -29.39
CA ARG B 290 -10.58 -0.57 -30.79
C ARG B 290 -9.20 0.02 -31.04
N ASN B 291 -8.69 -0.24 -32.25
CA ASN B 291 -7.40 0.32 -32.64
C ASN B 291 -7.48 1.84 -32.75
N ALA B 292 -6.33 2.49 -32.58
CA ALA B 292 -6.29 3.94 -32.50
C ALA B 292 -6.53 4.62 -33.84
N ASP B 293 -6.38 3.90 -34.95
CA ASP B 293 -6.46 4.55 -36.26
C ASP B 293 -7.85 5.11 -36.52
N ASP B 294 -8.90 4.33 -36.25
CA ASP B 294 -10.27 4.74 -36.52
C ASP B 294 -10.93 5.43 -35.34
N ILE B 295 -10.21 5.61 -34.23
CA ILE B 295 -10.79 6.21 -33.05
C ILE B 295 -11.05 7.70 -33.28
N THR B 296 -12.25 8.15 -32.91
CA THR B 296 -12.58 9.56 -32.96
C THR B 296 -12.54 10.17 -31.55
N GLN B 297 -12.85 11.45 -31.48
CA GLN B 297 -12.60 12.22 -30.26
C GLN B 297 -13.68 11.99 -29.21
N GLU B 298 -14.94 12.23 -29.57
CA GLU B 298 -16.00 12.39 -28.56
C GLU B 298 -16.25 11.11 -27.77
N GLU B 299 -16.14 9.94 -28.40
CA GLU B 299 -16.43 8.71 -27.68
C GLU B 299 -15.41 8.46 -26.58
N TYR B 300 -14.12 8.66 -26.87
CA TYR B 300 -13.13 8.54 -25.81
C TYR B 300 -13.18 9.72 -24.84
N GLY B 301 -13.67 10.88 -25.27
CA GLY B 301 -13.93 11.95 -24.32
C GLY B 301 -14.97 11.54 -23.28
N ASP B 302 -16.06 10.93 -23.73
CA ASP B 302 -17.04 10.39 -22.79
C ASP B 302 -16.46 9.24 -21.98
N PHE B 303 -15.56 8.46 -22.57
CA PHE B 303 -14.87 7.42 -21.81
C PHE B 303 -14.09 8.02 -20.65
N TYR B 304 -13.34 9.09 -20.91
CA TYR B 304 -12.64 9.79 -19.84
C TYR B 304 -13.62 10.37 -18.83
N LYS B 305 -14.73 10.93 -19.31
CA LYS B 305 -15.77 11.43 -18.43
C LYS B 305 -16.22 10.35 -17.45
N SER B 306 -16.51 9.16 -17.97
CA SER B 306 -16.91 8.04 -17.12
C SER B 306 -15.81 7.61 -16.17
N LEU B 307 -14.55 7.56 -16.63
CA LEU B 307 -13.46 7.12 -15.78
C LEU B 307 -13.24 8.06 -14.61
N THR B 308 -13.26 9.37 -14.85
CA THR B 308 -12.92 10.34 -13.81
C THR B 308 -14.12 11.17 -13.36
N ASN B 309 -15.33 10.74 -13.69
CA ASN B 309 -16.58 11.42 -13.33
C ASN B 309 -16.63 12.85 -13.87
N ASP B 310 -15.73 13.20 -14.78
CA ASP B 310 -15.65 14.56 -15.30
C ASP B 310 -16.83 14.84 -16.22
N TRP B 311 -17.18 16.13 -16.33
CA TRP B 311 -18.20 16.57 -17.27
C TRP B 311 -17.62 16.96 -18.62
N GLU B 312 -16.33 17.28 -18.67
CA GLU B 312 -15.68 17.73 -19.88
C GLU B 312 -14.75 16.66 -20.43
N ASP B 313 -14.18 16.94 -21.60
CA ASP B 313 -13.25 16.03 -22.25
C ASP B 313 -11.87 16.22 -21.63
N HIS B 314 -10.87 15.51 -22.17
CA HIS B 314 -9.49 15.62 -21.72
C HIS B 314 -8.75 16.63 -22.59
N LEU B 315 -7.44 16.74 -22.36
CA LEU B 315 -6.60 17.69 -23.05
C LEU B 315 -5.75 17.07 -24.17
N ALA B 316 -5.16 15.91 -23.93
CA ALA B 316 -4.34 15.26 -24.94
C ALA B 316 -4.43 13.75 -24.76
N VAL B 317 -4.12 13.03 -25.83
CA VAL B 317 -4.24 11.58 -25.88
C VAL B 317 -2.91 10.98 -26.33
N LYS B 318 -2.49 9.93 -25.64
CA LYS B 318 -1.33 9.13 -26.02
C LYS B 318 -1.75 7.67 -25.98
N HIS B 319 -2.31 7.19 -27.09
CA HIS B 319 -2.74 5.81 -27.22
C HIS B 319 -1.65 5.05 -27.97
N PHE B 320 -1.12 4.00 -27.34
CA PHE B 320 0.00 3.26 -27.92
C PHE B 320 0.02 1.88 -27.29
N SER B 321 1.09 1.14 -27.58
CA SER B 321 1.30 -0.18 -26.99
C SER B 321 2.78 -0.51 -27.02
N VAL B 322 3.18 -1.40 -26.12
CA VAL B 322 4.54 -1.92 -26.06
C VAL B 322 4.46 -3.44 -26.03
N GLU B 323 5.27 -4.10 -26.85
CA GLU B 323 5.20 -5.54 -27.00
C GLU B 323 6.56 -6.16 -26.66
N GLY B 324 6.60 -7.49 -26.70
CA GLY B 324 7.80 -8.22 -26.35
C GLY B 324 7.66 -8.98 -25.04
N GLN B 325 8.47 -8.62 -24.06
CA GLN B 325 8.40 -9.28 -22.75
C GLN B 325 7.19 -8.81 -21.94
N LEU B 326 6.81 -7.54 -22.08
CA LEU B 326 5.69 -6.96 -21.34
C LEU B 326 4.74 -6.32 -22.35
N GLU B 327 3.72 -7.07 -22.75
CA GLU B 327 2.77 -6.64 -23.76
C GLU B 327 1.61 -5.93 -23.07
N PHE B 328 1.27 -4.73 -23.56
CA PHE B 328 0.19 -3.96 -22.97
C PHE B 328 -0.15 -2.80 -23.89
N ARG B 329 -1.42 -2.40 -23.85
CA ARG B 329 -1.81 -1.09 -24.37
C ARG B 329 -1.81 -0.09 -23.23
N ALA B 330 -2.23 1.13 -23.52
CA ALA B 330 -2.33 2.16 -22.50
C ALA B 330 -3.14 3.32 -23.06
N LEU B 331 -3.82 4.03 -22.17
CA LEU B 331 -4.58 5.22 -22.51
C LEU B 331 -4.23 6.31 -21.50
N LEU B 332 -3.39 7.25 -21.91
CA LEU B 332 -2.99 8.36 -21.04
C LEU B 332 -3.70 9.62 -21.50
N PHE B 333 -4.39 10.26 -20.58
CA PHE B 333 -5.13 11.50 -20.85
C PHE B 333 -4.59 12.60 -19.95
N VAL B 334 -4.52 13.81 -20.51
CA VAL B 334 -4.01 14.97 -19.78
C VAL B 334 -5.20 15.66 -19.11
N PRO B 335 -5.28 15.68 -17.78
CA PRO B 335 -6.36 16.42 -17.12
C PRO B 335 -6.27 17.90 -17.45
N ARG B 336 -7.44 18.51 -17.63
CA ARG B 336 -7.51 19.91 -18.05
C ARG B 336 -7.20 20.88 -16.91
N ARG B 337 -7.60 20.54 -15.68
CA ARG B 337 -7.49 21.46 -14.56
C ARG B 337 -6.53 20.91 -13.51
N ALA B 338 -5.98 21.81 -12.71
CA ALA B 338 -5.01 21.44 -11.69
C ALA B 338 -5.66 20.63 -10.59
N PRO B 339 -4.88 19.81 -9.87
CA PRO B 339 -5.42 19.06 -8.74
C PRO B 339 -5.41 19.87 -7.46
N PHE B 340 -6.54 19.86 -6.76
CA PHE B 340 -6.74 20.66 -5.57
C PHE B 340 -6.31 19.94 -4.29
N ASP B 341 -5.67 18.78 -4.43
CA ASP B 341 -5.19 18.01 -3.28
C ASP B 341 -3.85 18.48 -2.76
N LEU B 342 -3.46 19.73 -3.08
CA LEU B 342 -2.17 20.24 -2.61
C LEU B 342 -2.10 20.29 -1.09
N PHE B 343 -3.19 20.69 -0.43
CA PHE B 343 -3.21 20.68 1.02
C PHE B 343 -3.06 19.27 1.58
N GLU B 344 -3.77 18.30 1.00
CA GLU B 344 -3.68 16.90 1.43
C GLU B 344 -2.49 16.27 0.72
N ASN B 345 -1.32 16.40 1.35
CA ASN B 345 -0.06 16.04 0.70
C ASN B 345 -0.02 14.57 0.33
N LYS B 346 -0.29 13.69 1.29
CA LYS B 346 -0.09 12.25 1.12
C LYS B 346 -1.40 11.49 0.92
N LYS B 347 -2.36 12.11 0.25
CA LYS B 347 -3.57 11.39 -0.16
C LYS B 347 -3.21 10.31 -1.17
N ARG B 348 -3.81 9.14 -1.03
CA ARG B 348 -3.50 8.02 -1.92
C ARG B 348 -4.01 8.35 -3.32
N LYS B 349 -3.07 8.65 -4.23
CA LYS B 349 -3.42 9.07 -5.57
C LYS B 349 -4.08 7.93 -6.34
N ASN B 350 -5.18 8.24 -7.02
CA ASN B 350 -5.87 7.30 -7.91
C ASN B 350 -5.79 7.74 -9.36
N ASN B 351 -4.68 8.39 -9.73
CA ASN B 351 -4.57 8.99 -11.06
C ASN B 351 -4.55 7.93 -12.15
N ILE B 352 -3.82 6.84 -11.93
CA ILE B 352 -3.63 5.79 -12.92
C ILE B 352 -4.18 4.49 -12.37
N LYS B 353 -5.03 3.83 -13.15
CA LYS B 353 -5.68 2.60 -12.73
C LYS B 353 -5.14 1.44 -13.57
N LEU B 354 -4.68 0.40 -12.90
CA LEU B 354 -4.05 -0.74 -13.55
C LEU B 354 -5.08 -1.83 -13.80
N TYR B 355 -5.21 -2.24 -15.06
CA TYR B 355 -6.17 -3.26 -15.46
C TYR B 355 -5.42 -4.48 -15.97
N VAL B 356 -5.78 -5.65 -15.43
CA VAL B 356 -5.19 -6.92 -15.85
C VAL B 356 -6.29 -7.75 -16.50
N ARG B 357 -6.14 -8.01 -17.80
CA ARG B 357 -7.13 -8.75 -18.58
C ARG B 357 -8.53 -8.13 -18.44
N ARG B 358 -8.58 -6.82 -18.61
CA ARG B 358 -9.83 -6.05 -18.55
C ARG B 358 -10.51 -6.18 -17.18
N VAL B 359 -9.73 -6.34 -16.12
CA VAL B 359 -10.24 -6.40 -14.76
C VAL B 359 -9.47 -5.39 -13.92
N PHE B 360 -10.20 -4.50 -13.24
CA PHE B 360 -9.56 -3.55 -12.34
C PHE B 360 -8.89 -4.31 -11.19
N ILE B 361 -7.68 -3.88 -10.85
CA ILE B 361 -6.94 -4.55 -9.78
C ILE B 361 -6.56 -3.58 -8.68
N MET B 362 -5.63 -2.68 -9.02
CA MET B 362 -5.08 -1.77 -8.00
C MET B 362 -4.99 -0.34 -8.55
N ASP B 363 -5.10 0.62 -7.65
CA ASP B 363 -5.03 2.04 -8.01
C ASP B 363 -3.86 2.75 -7.33
N ASN B 364 -2.88 2.01 -6.84
CA ASN B 364 -1.72 2.60 -6.17
C ASN B 364 -0.79 3.17 -7.23
N CYS B 365 -0.96 4.46 -7.53
CA CYS B 365 -0.16 5.12 -8.56
C CYS B 365 1.24 5.47 -8.07
N GLU B 366 1.49 5.45 -6.77
CA GLU B 366 2.75 5.96 -6.23
C GLU B 366 3.94 5.14 -6.71
N ASP B 367 3.80 3.81 -6.72
CA ASP B 367 4.86 2.93 -7.18
C ASP B 367 4.86 2.72 -8.69
N LEU B 368 3.96 3.40 -9.41
CA LEU B 368 3.81 3.20 -10.85
C LEU B 368 4.33 4.36 -11.67
N ILE B 369 4.55 5.53 -11.08
CA ILE B 369 5.00 6.70 -11.83
C ILE B 369 5.91 7.53 -10.95
N PRO B 370 6.87 8.27 -11.52
CA PRO B 370 7.62 9.24 -10.71
C PRO B 370 6.71 10.35 -10.21
N GLU B 371 7.03 10.87 -9.02
CA GLU B 371 6.16 11.83 -8.37
C GLU B 371 6.03 13.13 -9.16
N TYR B 372 7.07 13.50 -9.91
CA TYR B 372 6.98 14.69 -10.75
C TYR B 372 6.06 14.48 -11.95
N LEU B 373 5.42 13.32 -12.06
CA LEU B 373 4.45 13.04 -13.10
C LEU B 373 3.25 12.35 -12.49
N ASN B 374 2.76 12.89 -11.38
CA ASN B 374 1.70 12.28 -10.58
C ASN B 374 0.40 13.09 -10.67
N PHE B 375 0.11 13.59 -11.87
CA PHE B 375 -1.16 14.26 -12.14
C PHE B 375 -1.82 13.80 -13.42
N ILE B 376 -1.20 12.90 -14.17
CA ILE B 376 -1.78 12.40 -15.41
C ILE B 376 -2.78 11.30 -15.07
N LYS B 377 -4.00 11.43 -15.59
CA LYS B 377 -5.08 10.48 -15.32
C LYS B 377 -5.35 9.65 -16.56
N GLY B 378 -5.35 8.34 -16.41
CA GLY B 378 -5.52 7.45 -17.54
C GLY B 378 -5.55 6.01 -17.08
N VAL B 379 -5.52 5.10 -18.06
CA VAL B 379 -5.67 3.68 -17.80
C VAL B 379 -4.55 2.91 -18.50
N VAL B 380 -3.98 1.94 -17.79
CA VAL B 380 -3.00 1.02 -18.35
C VAL B 380 -3.63 -0.37 -18.35
N ASP B 381 -3.49 -1.08 -19.47
CA ASP B 381 -4.14 -2.36 -19.68
C ASP B 381 -3.10 -3.39 -20.09
N SER B 382 -2.48 -4.04 -19.11
CA SER B 382 -1.55 -5.12 -19.39
C SER B 382 -2.30 -6.43 -19.57
N GLU B 383 -1.56 -7.48 -19.93
CA GLU B 383 -2.16 -8.79 -20.10
C GLU B 383 -1.32 -9.94 -19.57
N ASP B 384 -0.13 -9.67 -19.00
CA ASP B 384 0.70 -10.78 -18.54
C ASP B 384 1.43 -10.49 -17.23
N LEU B 385 1.02 -9.49 -16.47
CA LEU B 385 1.67 -9.24 -15.19
C LEU B 385 1.33 -10.36 -14.21
N PRO B 386 2.31 -11.03 -13.63
CA PRO B 386 2.00 -12.13 -12.70
C PRO B 386 1.43 -11.64 -11.39
N LEU B 387 0.13 -11.83 -11.21
CA LEU B 387 -0.55 -11.39 -10.00
C LEU B 387 -0.36 -12.39 -8.87
N ASN B 388 -0.46 -11.90 -7.65
CA ASN B 388 -0.34 -12.74 -6.46
C ASN B 388 -1.64 -13.51 -6.26
N ILE B 389 -1.77 -14.16 -5.10
CA ILE B 389 -2.93 -15.01 -4.84
C ILE B 389 -4.22 -14.22 -4.82
N SER B 390 -4.20 -12.98 -4.32
CA SER B 390 -5.43 -12.24 -4.12
C SER B 390 -5.86 -11.45 -5.35
N ARG B 391 -5.08 -11.46 -6.44
CA ARG B 391 -5.33 -10.60 -7.59
C ARG B 391 -5.56 -9.16 -7.16
N GLU B 392 -4.74 -8.68 -6.23
CA GLU B 392 -4.91 -7.35 -5.67
C GLU B 392 -3.61 -6.56 -5.74
N MET B 393 -2.47 -7.25 -5.66
CA MET B 393 -1.17 -6.59 -5.69
C MET B 393 -0.23 -7.33 -6.62
N LEU B 394 0.74 -6.60 -7.14
CA LEU B 394 1.71 -7.15 -8.08
C LEU B 394 2.86 -7.83 -7.32
N GLN B 395 3.77 -8.43 -8.07
CA GLN B 395 4.90 -9.14 -7.49
C GLN B 395 6.26 -8.68 -7.99
N GLN B 396 6.39 -8.37 -9.27
CA GLN B 396 7.68 -8.06 -9.88
C GLN B 396 7.83 -6.54 -10.00
N ASN B 397 8.69 -5.97 -9.15
CA ASN B 397 8.88 -4.53 -9.15
C ASN B 397 9.72 -4.05 -10.33
N LYS B 398 10.67 -4.86 -10.81
CA LYS B 398 11.45 -4.46 -11.98
C LYS B 398 10.56 -4.33 -13.21
N ILE B 399 9.50 -5.15 -13.29
CA ILE B 399 8.50 -4.96 -14.34
C ILE B 399 7.84 -3.60 -14.20
N LEU B 400 7.52 -3.22 -12.96
CA LEU B 400 6.97 -1.89 -12.71
C LEU B 400 7.92 -0.79 -13.18
N LYS B 401 9.23 -0.97 -12.92
CA LYS B 401 10.20 0.03 -13.35
C LYS B 401 10.30 0.10 -14.87
N VAL B 402 10.23 -1.04 -15.55
CA VAL B 402 10.24 -1.04 -17.01
C VAL B 402 9.03 -0.29 -17.55
N ILE B 403 7.86 -0.57 -17.00
CA ILE B 403 6.66 0.16 -17.41
C ILE B 403 6.81 1.64 -17.11
N ARG B 404 7.44 1.97 -15.99
CA ARG B 404 7.70 3.36 -15.64
C ARG B 404 8.53 4.04 -16.72
N LYS B 405 9.61 3.39 -17.14
CA LYS B 405 10.48 3.98 -18.16
C LYS B 405 9.73 4.19 -19.47
N ASN B 406 9.00 3.15 -19.91
CA ASN B 406 8.26 3.27 -21.16
C ASN B 406 7.22 4.39 -21.07
N LEU B 407 6.49 4.44 -19.95
CA LEU B 407 5.43 5.43 -19.79
C LEU B 407 5.99 6.84 -19.76
N VAL B 408 7.08 7.07 -19.03
CA VAL B 408 7.63 8.41 -18.93
C VAL B 408 8.19 8.85 -20.28
N LYS B 409 8.86 7.94 -20.99
CA LYS B 409 9.36 8.28 -22.32
C LYS B 409 8.22 8.68 -23.25
N LYS B 410 7.17 7.85 -23.29
CA LYS B 410 6.06 8.12 -24.20
C LYS B 410 5.34 9.42 -23.83
N CYS B 411 5.09 9.65 -22.54
CA CYS B 411 4.33 10.82 -22.15
C CYS B 411 5.16 12.10 -22.28
N LEU B 412 6.48 12.02 -22.06
CA LEU B 412 7.31 13.18 -22.30
C LEU B 412 7.42 13.48 -23.79
N GLU B 413 7.44 12.45 -24.64
CA GLU B 413 7.31 12.68 -26.07
C GLU B 413 5.99 13.35 -26.38
N LEU B 414 4.92 12.92 -25.71
CA LEU B 414 3.62 13.58 -25.86
C LEU B 414 3.71 15.05 -25.48
N PHE B 415 4.44 15.36 -24.40
CA PHE B 415 4.70 16.75 -24.06
C PHE B 415 5.29 17.51 -25.23
N GLU B 416 6.25 16.90 -25.92
CA GLU B 416 6.76 17.48 -27.15
C GLU B 416 5.68 17.57 -28.22
N GLU B 417 4.79 16.56 -28.28
CA GLU B 417 3.75 16.55 -29.30
C GLU B 417 2.76 17.69 -29.10
N LEU B 418 2.47 18.05 -27.85
CA LEU B 418 1.54 19.14 -27.59
C LEU B 418 2.23 20.50 -27.56
N ALA B 419 3.55 20.55 -27.73
CA ALA B 419 4.27 21.82 -27.67
C ALA B 419 4.06 22.68 -28.90
N GLU B 420 3.48 22.13 -29.97
CA GLU B 420 3.34 22.89 -31.22
C GLU B 420 2.22 23.92 -31.14
N ASP B 421 1.28 23.77 -30.23
CA ASP B 421 0.20 24.73 -30.05
C ASP B 421 0.57 25.68 -28.93
N LYS B 422 0.64 26.98 -29.24
CA LYS B 422 1.07 27.96 -28.25
C LYS B 422 0.03 28.13 -27.14
N GLU B 423 -1.25 28.20 -27.51
CA GLU B 423 -2.29 28.43 -26.52
C GLU B 423 -2.42 27.26 -25.55
N ASN B 424 -2.49 26.04 -26.09
CA ASN B 424 -2.59 24.87 -25.21
C ASN B 424 -1.33 24.69 -24.39
N TYR B 425 -0.17 25.03 -24.93
CA TYR B 425 1.06 24.87 -24.16
C TYR B 425 1.16 25.91 -23.05
N LYS B 426 0.73 27.15 -23.30
CA LYS B 426 0.72 28.12 -22.20
C LYS B 426 -0.31 27.74 -21.16
N LYS B 427 -1.43 27.14 -21.57
CA LYS B 427 -2.38 26.60 -20.59
C LYS B 427 -1.73 25.52 -19.75
N TYR B 428 -1.00 24.60 -20.39
CA TYR B 428 -0.34 23.51 -19.67
C TYR B 428 0.70 24.05 -18.71
N TYR B 429 1.48 25.06 -19.15
CA TYR B 429 2.47 25.66 -18.28
C TYR B 429 1.80 26.33 -17.08
N GLU B 430 0.80 27.16 -17.32
CA GLU B 430 0.08 27.83 -16.24
C GLU B 430 -0.57 26.84 -15.28
N GLN B 431 -0.92 25.65 -15.76
CA GLN B 431 -1.62 24.69 -14.92
C GLN B 431 -0.69 23.77 -14.12
N PHE B 432 0.38 23.27 -14.74
CA PHE B 432 1.26 22.31 -14.08
C PHE B 432 2.72 22.63 -14.34
N SER B 433 3.08 23.91 -14.23
CA SER B 433 4.48 24.29 -14.39
C SER B 433 5.36 23.75 -13.27
N LYS B 434 4.76 23.39 -12.12
CA LYS B 434 5.56 22.96 -10.98
C LYS B 434 6.24 21.62 -11.24
N ASN B 435 5.49 20.66 -11.79
CA ASN B 435 5.96 19.27 -11.83
C ASN B 435 7.22 19.12 -12.68
N LEU B 436 7.29 19.83 -13.80
CA LEU B 436 8.51 19.80 -14.60
C LEU B 436 9.71 20.30 -13.79
N LYS B 437 9.51 21.33 -12.99
CA LYS B 437 10.59 21.87 -12.18
C LYS B 437 10.97 20.91 -11.07
N LEU B 438 9.99 20.21 -10.48
CA LEU B 438 10.32 19.18 -9.49
C LEU B 438 11.17 18.07 -10.12
N GLY B 439 10.80 17.66 -11.34
CA GLY B 439 11.61 16.67 -12.04
C GLY B 439 13.01 17.17 -12.32
N ILE B 440 13.13 18.40 -12.83
CA ILE B 440 14.45 18.97 -13.10
C ILE B 440 15.26 19.06 -11.82
N HIS B 441 14.58 19.21 -10.68
CA HIS B 441 15.28 19.25 -9.40
C HIS B 441 15.77 17.87 -8.98
N GLU B 442 14.95 16.83 -9.16
CA GLU B 442 15.28 15.53 -8.60
C GLU B 442 15.09 14.38 -9.57
N ASP B 443 15.26 14.61 -10.87
CA ASP B 443 15.36 13.53 -11.85
C ASP B 443 16.60 13.77 -12.70
N ALA B 444 17.25 12.67 -13.12
CA ALA B 444 18.52 12.75 -13.82
C ALA B 444 18.47 12.33 -15.28
N GLN B 445 17.59 11.39 -15.64
CA GLN B 445 17.66 10.78 -16.97
C GLN B 445 17.32 11.79 -18.07
N ASN B 446 16.19 12.49 -17.92
CA ASN B 446 15.64 13.30 -19.00
C ASN B 446 15.62 14.79 -18.65
N ARG B 447 16.69 15.28 -18.01
CA ARG B 447 16.77 16.70 -17.68
C ARG B 447 16.76 17.56 -18.95
N THR B 448 17.35 17.05 -20.03
CA THR B 448 17.45 17.84 -21.25
C THR B 448 16.08 18.15 -21.85
N LYS B 449 15.26 17.12 -22.03
CA LYS B 449 13.94 17.32 -22.61
C LYS B 449 13.07 18.20 -21.71
N LEU B 450 13.14 17.98 -20.40
CA LEU B 450 12.41 18.83 -19.47
C LEU B 450 12.85 20.29 -19.59
N ALA B 451 14.16 20.51 -19.70
CA ALA B 451 14.65 21.87 -19.89
C ALA B 451 14.12 22.47 -21.18
N ASP B 452 14.08 21.69 -22.26
CA ASP B 452 13.48 22.17 -23.49
C ASP B 452 12.02 22.53 -23.30
N LEU B 453 11.32 21.81 -22.42
CA LEU B 453 9.90 22.06 -22.20
C LEU B 453 9.62 23.42 -21.56
N LEU B 454 10.53 23.94 -20.74
CA LEU B 454 10.25 25.16 -19.98
C LEU B 454 10.18 26.38 -20.88
N ARG B 455 9.37 27.36 -20.44
CA ARG B 455 9.30 28.68 -21.02
C ARG B 455 9.47 29.69 -19.90
N TYR B 456 9.93 30.90 -20.24
CA TYR B 456 10.24 31.87 -19.20
C TYR B 456 9.93 33.29 -19.68
N HIS B 457 9.54 34.14 -18.73
CA HIS B 457 9.26 35.53 -19.02
C HIS B 457 10.55 36.29 -19.26
N THR B 458 10.53 37.21 -20.21
CA THR B 458 11.71 37.99 -20.59
C THR B 458 11.32 39.44 -20.84
N SER B 459 12.25 40.20 -21.40
CA SER B 459 12.08 41.64 -21.51
C SER B 459 11.27 42.02 -22.74
N ALA B 460 11.78 41.68 -23.93
CA ALA B 460 11.18 42.14 -25.18
C ALA B 460 9.93 41.37 -25.57
N SER B 461 9.62 40.28 -24.88
CA SER B 461 8.43 39.49 -25.16
C SER B 461 7.22 39.95 -24.34
N GLY B 462 7.36 41.01 -23.55
CA GLY B 462 6.26 41.43 -22.70
C GLY B 462 6.02 40.43 -21.58
N ASP B 463 4.75 40.27 -21.23
CA ASP B 463 4.34 39.31 -20.22
C ASP B 463 4.03 37.93 -20.81
N GLU B 464 4.50 37.65 -22.02
CA GLU B 464 4.39 36.32 -22.61
C GLU B 464 5.72 35.60 -22.46
N ALA B 465 5.68 34.39 -21.91
CA ALA B 465 6.90 33.64 -21.65
C ALA B 465 7.52 33.14 -22.96
N CYS B 466 8.82 32.83 -22.89
CA CYS B 466 9.56 32.31 -24.02
C CYS B 466 10.50 31.21 -23.55
N SER B 467 10.81 30.30 -24.46
CA SER B 467 11.71 29.20 -24.13
C SER B 467 13.15 29.69 -24.01
N LEU B 468 13.99 28.85 -23.40
CA LEU B 468 15.41 29.16 -23.32
C LEU B 468 16.06 29.20 -24.69
N LYS B 469 15.51 28.48 -25.68
CA LYS B 469 16.04 28.55 -27.04
C LYS B 469 15.66 29.86 -27.73
N GLU B 470 14.58 30.51 -27.29
CA GLU B 470 14.20 31.79 -27.88
C GLU B 470 15.27 32.84 -27.66
N TYR B 471 15.84 32.90 -26.45
CA TYR B 471 16.92 33.84 -26.18
C TYR B 471 18.14 33.52 -27.03
N VAL B 472 18.41 32.24 -27.27
CA VAL B 472 19.50 31.86 -28.16
C VAL B 472 19.23 32.37 -29.58
N SER B 473 17.96 32.36 -29.99
CA SER B 473 17.61 32.88 -31.31
C SER B 473 17.98 34.35 -31.44
N ARG B 474 17.74 35.13 -30.38
CA ARG B 474 18.11 36.55 -30.36
C ARG B 474 19.47 36.78 -29.69
N MET B 475 20.26 35.72 -29.52
CA MET B 475 21.56 35.87 -28.89
C MET B 475 22.48 36.73 -29.75
N LYS B 476 23.33 37.50 -29.09
CA LYS B 476 24.28 38.37 -29.78
C LYS B 476 25.68 37.79 -29.71
N GLU B 477 26.49 38.11 -30.72
CA GLU B 477 27.81 37.50 -30.86
C GLU B 477 28.73 37.87 -29.70
N ASN B 478 28.71 39.13 -29.28
CA ASN B 478 29.63 39.58 -28.24
C ASN B 478 29.33 38.98 -26.88
N GLN B 479 28.07 38.62 -26.62
CA GLN B 479 27.72 37.93 -25.39
C GLN B 479 28.02 36.45 -25.54
N LYS B 480 28.71 35.88 -24.55
CA LYS B 480 29.11 34.48 -24.59
C LYS B 480 28.38 33.62 -23.57
N HIS B 481 27.53 34.22 -22.73
CA HIS B 481 26.83 33.46 -21.70
C HIS B 481 25.48 34.12 -21.44
N ILE B 482 24.49 33.29 -21.12
CA ILE B 482 23.11 33.75 -20.99
C ILE B 482 22.97 34.56 -19.71
N TYR B 483 22.36 35.74 -19.83
CA TYR B 483 22.08 36.60 -18.68
C TYR B 483 20.68 36.32 -18.14
N TYR B 484 20.58 36.28 -16.81
CA TYR B 484 19.31 36.09 -16.14
C TYR B 484 19.36 36.83 -14.80
N ILE B 485 18.19 37.02 -14.19
CA ILE B 485 18.10 37.67 -12.90
C ILE B 485 17.07 36.95 -12.04
N THR B 486 17.18 37.14 -10.73
CA THR B 486 16.21 36.67 -9.76
C THR B 486 15.39 37.84 -9.25
N GLY B 487 14.07 37.76 -9.40
CA GLY B 487 13.19 38.82 -8.96
C GLY B 487 11.75 38.41 -8.83
N GLU B 488 11.03 39.01 -7.88
CA GLU B 488 9.64 38.63 -7.62
C GLU B 488 8.72 39.06 -8.76
N ASN B 489 8.90 40.27 -9.27
CA ASN B 489 8.12 40.77 -10.39
C ASN B 489 9.07 41.28 -11.46
N ARG B 490 8.57 41.32 -12.70
CA ARG B 490 9.39 41.74 -13.83
C ARG B 490 9.81 43.20 -13.71
N ASP B 491 8.86 44.08 -13.41
CA ASP B 491 9.12 45.51 -13.49
C ASP B 491 10.03 45.99 -12.37
N GLN B 492 9.90 45.41 -11.17
CA GLN B 492 10.69 45.87 -10.03
C GLN B 492 12.18 45.65 -10.27
N VAL B 493 12.55 44.52 -10.84
CA VAL B 493 13.95 44.30 -11.20
C VAL B 493 14.28 44.94 -12.54
N ALA B 494 13.28 45.29 -13.35
CA ALA B 494 13.55 46.02 -14.58
C ALA B 494 14.21 47.37 -14.28
N ASN B 495 13.83 48.02 -13.20
CA ASN B 495 14.44 49.27 -12.77
C ASN B 495 15.63 49.06 -11.84
N SER B 496 15.89 47.82 -11.44
CA SER B 496 17.00 47.54 -10.53
C SER B 496 18.34 47.80 -11.21
N SER B 497 19.26 48.41 -10.46
CA SER B 497 20.57 48.75 -11.01
C SER B 497 21.39 47.52 -11.36
N PHE B 498 21.02 46.33 -10.88
CA PHE B 498 21.75 45.12 -11.24
C PHE B 498 21.65 44.79 -12.72
N VAL B 499 20.61 45.27 -13.40
CA VAL B 499 20.49 45.07 -14.84
C VAL B 499 20.19 46.40 -15.54
N GLU B 500 20.19 47.49 -14.77
CA GLU B 500 20.04 48.80 -15.38
C GLU B 500 21.24 49.16 -16.25
N ARG B 501 22.42 48.62 -15.92
CA ARG B 501 23.59 48.85 -16.74
C ARG B 501 23.40 48.31 -18.16
N VAL B 502 22.81 47.12 -18.27
CA VAL B 502 22.59 46.52 -19.58
C VAL B 502 21.26 46.94 -20.20
N LYS B 503 20.34 47.49 -19.39
CA LYS B 503 19.06 47.93 -19.92
C LYS B 503 19.21 49.12 -20.86
N LYS B 504 20.29 49.90 -20.69
CA LYS B 504 20.52 51.03 -21.59
C LYS B 504 20.64 50.61 -23.05
N ARG B 505 21.18 49.42 -23.30
CA ARG B 505 21.32 48.88 -24.65
C ARG B 505 20.10 48.06 -25.07
N GLY B 506 19.25 47.68 -24.10
CA GLY B 506 18.04 46.96 -24.43
C GLY B 506 18.19 45.46 -24.55
N TYR B 507 19.03 44.84 -23.73
CA TYR B 507 19.15 43.39 -23.73
C TYR B 507 17.92 42.75 -23.09
N GLU B 508 17.94 41.42 -23.02
CA GLU B 508 16.83 40.66 -22.48
C GLU B 508 17.31 39.83 -21.30
N VAL B 509 16.51 39.79 -20.25
CA VAL B 509 16.87 39.12 -19.01
C VAL B 509 15.72 38.21 -18.58
N VAL B 510 16.07 37.02 -18.10
CA VAL B 510 15.08 36.08 -17.58
C VAL B 510 14.64 36.54 -16.20
N TYR B 511 13.33 36.56 -15.97
CA TYR B 511 12.74 37.00 -14.71
C TYR B 511 12.13 35.80 -14.00
N MET B 512 12.50 35.64 -12.74
CA MET B 512 12.43 34.36 -12.05
C MET B 512 12.05 34.57 -10.59
N THR B 513 10.89 34.04 -10.19
CA THR B 513 10.40 34.28 -8.83
C THR B 513 10.00 33.02 -8.08
N GLU B 514 9.46 32.02 -8.76
CA GLU B 514 8.89 30.85 -8.07
C GLU B 514 10.01 30.03 -7.42
N PRO B 515 9.96 29.78 -6.11
CA PRO B 515 11.19 29.42 -5.39
C PRO B 515 11.82 28.11 -5.83
N ILE B 516 11.07 27.18 -6.43
CA ILE B 516 11.70 26.01 -7.01
C ILE B 516 12.76 26.45 -8.02
N ASP B 517 12.39 27.35 -8.92
CA ASP B 517 13.37 27.90 -9.85
C ASP B 517 14.49 28.64 -9.14
N GLU B 518 14.21 29.23 -7.97
CA GLU B 518 15.31 29.73 -7.15
C GLU B 518 16.31 28.62 -6.81
N TYR B 519 15.82 27.42 -6.54
CA TYR B 519 16.73 26.32 -6.23
C TYR B 519 17.16 25.49 -7.43
N VAL B 520 16.53 25.62 -8.60
CA VAL B 520 16.89 24.75 -9.72
C VAL B 520 18.02 25.28 -10.58
N VAL B 521 18.39 26.56 -10.45
CA VAL B 521 19.42 27.11 -11.32
C VAL B 521 20.72 26.35 -11.20
N GLN B 522 20.99 25.77 -10.03
CA GLN B 522 22.16 24.90 -9.88
C GLN B 522 22.00 23.63 -10.72
N GLN B 523 20.77 23.12 -10.82
CA GLN B 523 20.55 21.83 -11.46
C GLN B 523 20.98 21.84 -12.93
N MET B 524 20.50 22.81 -13.70
CA MET B 524 20.98 22.97 -15.07
C MET B 524 22.14 23.95 -15.04
N ARG B 525 23.32 23.48 -15.42
CA ARG B 525 24.52 24.30 -15.30
C ARG B 525 24.86 25.00 -16.61
N GLU B 526 24.32 24.50 -17.73
CA GLU B 526 24.58 25.09 -19.03
C GLU B 526 23.56 24.56 -20.04
N TYR B 527 22.88 25.48 -20.71
CA TYR B 527 21.92 25.13 -21.75
C TYR B 527 22.41 25.67 -23.09
N ASP B 528 22.37 24.82 -24.11
CA ASP B 528 22.81 25.17 -25.46
C ASP B 528 24.25 25.66 -25.49
N GLY B 529 25.11 25.06 -24.65
CA GLY B 529 26.52 25.35 -24.67
C GLY B 529 26.94 26.67 -24.03
N LYS B 530 26.03 27.37 -23.35
CA LYS B 530 26.34 28.62 -22.70
C LYS B 530 25.93 28.55 -21.24
N THR B 531 26.85 28.91 -20.34
CA THR B 531 26.57 28.92 -18.92
C THR B 531 25.68 30.11 -18.57
N LEU B 532 24.90 29.95 -17.50
CA LEU B 532 24.00 31.00 -17.06
C LEU B 532 24.76 32.05 -16.24
N VAL B 533 24.43 33.32 -16.49
CA VAL B 533 25.04 34.44 -15.79
C VAL B 533 23.93 35.25 -15.13
N SER B 534 24.10 35.56 -13.85
CA SER B 534 23.14 36.35 -13.10
C SER B 534 23.82 37.61 -12.57
N VAL B 535 23.09 38.34 -11.74
CA VAL B 535 23.63 39.50 -11.05
C VAL B 535 24.12 39.04 -9.68
N THR B 536 24.08 37.72 -9.46
CA THR B 536 24.58 37.11 -8.24
C THR B 536 25.61 36.01 -8.46
N LYS B 537 25.65 35.41 -9.65
CA LYS B 537 26.69 34.43 -9.95
C LYS B 537 28.05 35.10 -10.12
N GLU B 538 28.06 36.30 -10.67
CA GLU B 538 29.30 37.06 -10.82
C GLU B 538 29.13 38.52 -10.44
N GLY B 539 27.99 38.93 -9.91
CA GLY B 539 27.74 40.32 -9.62
C GLY B 539 27.18 41.06 -10.82
N LEU B 540 27.40 42.37 -10.81
CA LEU B 540 26.93 43.23 -11.90
C LEU B 540 27.73 42.90 -13.14
N GLU B 541 27.11 42.16 -14.06
CA GLU B 541 27.79 41.77 -15.29
C GLU B 541 28.07 42.98 -16.16
N LEU B 542 29.20 42.93 -16.86
CA LEU B 542 29.66 44.04 -17.70
C LEU B 542 29.85 43.55 -19.12
N PRO B 543 28.79 43.50 -19.93
CA PRO B 543 28.94 43.06 -21.33
C PRO B 543 29.58 44.15 -22.16
N GLU B 544 30.72 43.85 -22.76
CA GLU B 544 31.50 44.80 -23.53
C GLU B 544 31.52 44.40 -25.00
N ASP B 545 31.48 45.40 -25.88
CA ASP B 545 31.51 45.16 -27.32
C ASP B 545 32.82 44.51 -27.75
#